data_2JB6
#
_entry.id   2JB6
#
_cell.length_a   77.028
_cell.length_b   77.028
_cell.length_c   379.128
_cell.angle_alpha   90.00
_cell.angle_beta   90.00
_cell.angle_gamma   90.00
#
_symmetry.space_group_name_H-M   'P 43 21 2'
#
loop_
_entity.id
_entity.type
_entity.pdbx_description
1 polymer 'FAB FRAGMENT MOR03268 LIGHT CHAIN'
2 polymer 'FAB FRAGMENT MOR03268 HEAVY CHAIN'
3 non-polymer 2-{(1E,3Z,5E,7E)-7-[3,3-DIMETHYL-5-SULFO-1-(2-SULFOETHYL)-1,3-DIHYDRO-2H-INDOL-2-YLIDENE]-4-METHYLHEPTA-1,3,5-TRIEN-1-YL}-3,3-DIMETHYL-5-SULFO-1-(2-SULFOETHYL)-3H-INDOLIUM
4 water water
#
loop_
_entity_poly.entity_id
_entity_poly.type
_entity_poly.pdbx_seq_one_letter_code
_entity_poly.pdbx_strand_id
1 'polypeptide(L)'
;DIALTQPASVSGSPGQSITISCTGTSSDVGSNNYVSWYQQHPGKAPKLMIYGGSNRPSGVSNRFSGSKSGNTASLTISGL
QAEDEADYYCRSWDSNLSYSVFGGGTKLTVLGQPKAAPSVTLFPPSSEELQANKATLVCLISDFYPGAVTVAWKADSSPV
KAGVETTTPSKQSNNKYAASSYLSLTPEQWKSHRSYSCQVTHEGSTVEKTVAPTEA
;
A,L
2 'polypeptide(L)'
;QVQLVQSGAEVKKPGSSVKVSCKASGGTFSNYAINWVRQAPGQGLEWMGNIEPYFGTANYAQKFQGRVTITADESTSTAY
MELSSLRSEDTAVYYCARYFMSYKHLSDYWGQGTLVTVSSASTKGPSVFPLAPSSKSTSGGTAALGCLVKDYFPEPVTVS
WNSGALTSGVHTFPAVLQSSGLYSLSSVVTVPSSSLGTQTYICNVNHKPSNTKVDKKVEPKSEFEQKLISEEDLNGAPHH
HHHH
;
B,H
#
loop_
_chem_comp.id
_chem_comp.type
_chem_comp.name
_chem_comp.formula
T5C non-polymer 2-{(1E,3Z,5E,7E)-7-[3,3-DIMETHYL-5-SULFO-1-(2-SULFOETHYL)-1,3-DIHYDRO-2H-INDOL-2-YLIDENE]-4-METHYLHEPTA-1,3,5-TRIEN-1-YL}-3,3-DIMETHYL-5-SULFO-1-(2-SULFOETHYL)-3H-INDOLIUM 'C32 H39 N2 O12 S4 1'
#
# COMPACT_ATOMS: atom_id res chain seq x y z
N ALA A 3 -13.96 22.09 7.47
CA ALA A 3 -13.14 20.86 7.69
C ALA A 3 -11.76 20.99 7.03
N LEU A 4 -10.80 20.17 7.45
CA LEU A 4 -9.42 20.26 6.94
C LEU A 4 -8.97 19.01 6.19
N THR A 5 -8.62 19.19 4.92
CA THR A 5 -8.24 18.11 4.03
C THR A 5 -6.73 17.85 4.05
N GLN A 6 -6.36 16.62 4.40
CA GLN A 6 -4.98 16.16 4.25
C GLN A 6 -5.03 14.95 3.35
N PRO A 7 -3.88 14.54 2.79
CA PRO A 7 -3.94 13.29 2.04
C PRO A 7 -4.08 12.13 3.01
N ALA A 8 -4.75 11.07 2.59
CA ALA A 8 -4.90 9.91 3.46
C ALA A 8 -3.56 9.26 3.82
N SER A 9 -2.61 9.27 2.89
CA SER A 9 -1.29 8.69 3.13
C SER A 9 -0.23 9.29 2.24
N VAL A 10 1.01 9.28 2.72
CA VAL A 10 2.16 9.67 1.91
C VAL A 10 3.30 8.73 2.26
N SER A 11 4.22 8.53 1.31
CA SER A 11 5.37 7.69 1.56
C SER A 11 6.64 8.33 1.01
N GLY A 12 7.73 8.18 1.76
CA GLY A 12 9.05 8.70 1.36
C GLY A 12 10.21 7.79 1.71
N SER A 13 11.37 8.09 1.14
CA SER A 13 12.60 7.32 1.39
C SER A 13 13.45 7.95 2.51
N PRO A 14 14.24 7.12 3.22
CA PRO A 14 15.11 7.65 4.26
C PRO A 14 16.04 8.71 3.72
N GLY A 15 16.21 9.79 4.48
CA GLY A 15 17.09 10.87 4.06
C GLY A 15 16.36 12.02 3.38
N GLN A 16 15.41 11.71 2.50
CA GLN A 16 14.64 12.72 1.76
C GLN A 16 13.71 13.48 2.71
N SER A 17 13.22 14.63 2.26
CA SER A 17 12.21 15.35 3.01
C SER A 17 10.86 15.12 2.36
N ILE A 18 9.80 15.11 3.17
CA ILE A 18 8.44 15.17 2.64
C ILE A 18 7.62 16.23 3.34
N THR A 19 6.55 16.65 2.67
CA THR A 19 5.63 17.60 3.25
C THR A 19 4.20 17.07 3.15
N ILE A 20 3.45 17.20 4.25
CA ILE A 20 2.05 16.85 4.27
C ILE A 20 1.25 18.14 4.23
N SER A 21 0.32 18.25 3.29
CA SER A 21 -0.47 19.46 3.14
C SER A 21 -1.74 19.40 3.99
N CYS A 22 -2.18 20.56 4.47
CA CYS A 22 -3.41 20.67 5.25
C CYS A 22 -4.24 21.83 4.69
N THR A 23 -5.10 21.53 3.71
CA THR A 23 -5.82 22.60 3.05
C THR A 23 -7.21 22.84 3.70
N GLY A 24 -7.46 24.10 4.03
CA GLY A 24 -8.74 24.54 4.60
C GLY A 24 -9.21 25.76 3.82
N THR A 25 -9.91 26.67 4.49
CA THR A 25 -10.45 27.85 3.81
C THR A 25 -9.85 29.15 4.33
N SER A 26 -10.16 30.25 3.64
CA SER A 26 -9.85 31.60 4.12
C SER A 26 -10.49 31.86 5.47
N SER A 27 -11.62 31.20 5.72
CA SER A 27 -12.40 31.35 6.94
C SER A 27 -11.89 30.51 8.13
N ASP A 28 -10.82 29.73 7.93
CA ASP A 28 -10.18 29.02 9.06
C ASP A 28 -8.63 29.07 9.02
N VAL A 29 -7.99 28.11 8.37
CA VAL A 29 -6.52 28.06 8.26
C VAL A 29 -5.93 29.38 7.77
N GLY A 30 -6.58 30.01 6.80
CA GLY A 30 -6.07 31.26 6.26
C GLY A 30 -6.55 32.51 6.99
N SER A 31 -7.19 32.34 8.16
CA SER A 31 -7.71 33.48 8.94
C SER A 31 -6.77 33.91 10.07
N ASN A 32 -5.96 32.96 10.55
CA ASN A 32 -4.94 33.18 11.58
C ASN A 32 -3.91 32.07 11.45
N ASN A 33 -2.81 32.12 12.22
CA ASN A 33 -2.02 30.90 12.31
C ASN A 33 -2.01 30.17 13.65
N TYR A 34 -3.20 29.97 14.18
CA TYR A 34 -3.45 28.98 15.19
C TYR A 34 -3.66 27.64 14.50
N VAL A 35 -2.60 27.14 13.86
CA VAL A 35 -2.60 25.78 13.30
C VAL A 35 -1.44 24.97 13.87
N SER A 36 -1.70 23.70 14.14
CA SER A 36 -0.72 22.85 14.82
C SER A 36 -0.63 21.48 14.17
N TRP A 37 0.47 20.77 14.44
CA TRP A 37 0.60 19.39 13.95
C TRP A 37 0.82 18.40 15.07
N TYR A 38 0.20 17.23 14.92
CA TYR A 38 0.30 16.18 15.91
C TYR A 38 0.82 14.90 15.28
N GLN A 39 1.67 14.19 16.00
CA GLN A 39 2.14 12.87 15.60
C GLN A 39 1.53 11.80 16.49
N GLN A 40 1.08 10.71 15.88
CA GLN A 40 0.55 9.57 16.63
C GLN A 40 1.19 8.27 16.18
N HIS A 41 1.93 7.64 17.08
CA HIS A 41 2.41 6.28 16.86
C HIS A 41 1.34 5.31 17.35
N PRO A 42 1.41 4.04 16.90
CA PRO A 42 0.37 3.03 17.22
C PRO A 42 0.12 2.87 18.72
N GLY A 43 -1.16 2.96 19.09
CA GLY A 43 -1.61 2.73 20.47
C GLY A 43 -1.17 3.81 21.44
N LYS A 44 -0.88 5.01 20.91
CA LYS A 44 -0.39 6.10 21.74
C LYS A 44 -1.23 7.36 21.57
N ALA A 45 -1.24 8.20 22.61
CA ALA A 45 -1.83 9.54 22.51
C ALA A 45 -1.09 10.33 21.45
N PRO A 46 -1.80 11.24 20.76
CA PRO A 46 -1.19 12.21 19.84
C PRO A 46 -0.15 13.09 20.54
N LYS A 47 0.93 13.40 19.83
CA LYS A 47 2.00 14.24 20.35
C LYS A 47 2.09 15.52 19.53
N LEU A 48 2.13 16.66 20.22
CA LEU A 48 2.27 17.96 19.56
C LEU A 48 3.69 18.15 19.00
N MET A 49 3.79 18.39 17.70
CA MET A 49 5.07 18.59 17.03
C MET A 49 5.28 20.04 16.62
N ILE A 50 4.20 20.69 16.20
CA ILE A 50 4.27 22.05 15.69
C ILE A 50 3.05 22.85 16.16
N TYR A 51 3.28 24.07 16.64
CA TYR A 51 2.20 24.96 17.08
C TYR A 51 2.39 26.38 16.57
N GLY A 52 1.29 27.12 16.44
CA GLY A 52 1.33 28.45 15.87
C GLY A 52 1.91 28.42 14.48
N GLY A 53 1.61 27.35 13.73
CA GLY A 53 2.04 27.24 12.34
C GLY A 53 3.45 26.74 12.11
N SER A 54 4.39 27.17 12.96
CA SER A 54 5.82 26.96 12.70
C SER A 54 6.73 26.78 13.91
N ASN A 55 6.17 26.86 15.13
CA ASN A 55 6.95 26.68 16.36
C ASN A 55 7.00 25.25 16.90
N ARG A 56 8.18 24.83 17.38
CA ARG A 56 8.37 23.51 17.98
C ARG A 56 8.20 23.59 19.50
N PRO A 57 7.44 22.65 20.09
CA PRO A 57 7.47 22.49 21.55
C PRO A 57 8.88 22.14 22.00
N SER A 58 9.16 22.33 23.28
CA SER A 58 10.49 22.00 23.80
C SER A 58 10.77 20.51 23.63
N GLY A 59 12.00 20.21 23.21
CA GLY A 59 12.44 18.82 23.05
C GLY A 59 12.17 18.20 21.68
N VAL A 60 11.10 18.63 21.03
CA VAL A 60 10.75 18.20 19.66
C VAL A 60 11.93 18.42 18.71
N SER A 61 12.23 17.42 17.90
CA SER A 61 13.33 17.48 16.93
C SER A 61 13.18 18.67 15.98
N ASN A 62 14.29 19.19 15.47
CA ASN A 62 14.23 20.31 14.54
C ASN A 62 14.03 19.91 13.09
N ARG A 63 13.99 18.59 12.84
CA ARG A 63 13.72 18.07 11.50
C ARG A 63 12.27 18.34 11.08
N PHE A 64 11.45 18.79 12.03
CA PHE A 64 10.05 19.09 11.79
C PHE A 64 9.84 20.57 11.69
N SER A 65 9.37 21.02 10.53
CA SER A 65 9.10 22.42 10.28
C SER A 65 7.65 22.60 9.81
N GLY A 66 7.17 23.84 9.88
CA GLY A 66 5.82 24.19 9.48
C GLY A 66 5.81 25.42 8.59
N SER A 67 4.77 25.53 7.78
CA SER A 67 4.71 26.53 6.74
C SER A 67 3.26 26.66 6.31
N LYS A 68 2.95 27.67 5.52
CA LYS A 68 1.56 27.99 5.18
C LYS A 68 1.41 28.89 3.95
N SER A 69 1.46 28.27 2.78
CA SER A 69 1.19 29.00 1.53
C SER A 69 -0.32 29.09 1.29
N GLY A 70 -0.85 30.32 1.21
CA GLY A 70 -2.27 30.55 0.99
C GLY A 70 -3.16 30.04 2.12
N ASN A 71 -4.15 29.23 1.76
CA ASN A 71 -5.10 28.65 2.72
C ASN A 71 -4.76 27.21 3.16
N THR A 72 -3.50 26.81 2.95
CA THR A 72 -3.08 25.45 3.28
C THR A 72 -1.81 25.44 4.12
N ALA A 73 -1.89 24.78 5.26
CA ALA A 73 -0.74 24.57 6.13
C ALA A 73 0.13 23.45 5.56
N SER A 74 1.36 23.34 6.04
CA SER A 74 2.27 22.31 5.56
C SER A 74 3.27 21.90 6.61
N LEU A 75 3.33 20.60 6.87
CA LEU A 75 4.37 20.02 7.70
C LEU A 75 5.47 19.44 6.82
N THR A 76 6.71 19.74 7.16
CA THR A 76 7.84 19.21 6.43
C THR A 76 8.77 18.46 7.38
N ILE A 77 9.04 17.21 7.07
CA ILE A 77 9.98 16.42 7.84
C ILE A 77 11.22 16.24 7.01
N SER A 78 12.36 16.66 7.54
CA SER A 78 13.64 16.52 6.84
C SER A 78 14.38 15.29 7.34
N GLY A 79 15.47 14.93 6.66
CA GLY A 79 16.27 13.75 7.03
C GLY A 79 15.41 12.63 7.59
N LEU A 80 14.32 12.35 6.88
CA LEU A 80 13.34 11.32 7.25
C LEU A 80 13.99 10.06 7.80
N GLN A 81 13.46 9.58 8.92
CA GLN A 81 13.95 8.36 9.56
C GLN A 81 12.81 7.41 9.81
N ALA A 82 13.15 6.14 10.02
CA ALA A 82 12.17 5.09 10.28
C ALA A 82 11.19 5.47 11.38
N GLU A 83 11.69 6.13 12.42
CA GLU A 83 10.86 6.47 13.59
C GLU A 83 9.77 7.47 13.29
N ASP A 84 9.89 8.16 12.16
CA ASP A 84 8.90 9.14 11.72
C ASP A 84 7.61 8.48 11.23
N GLU A 85 7.67 7.17 11.01
CA GLU A 85 6.53 6.40 10.52
C GLU A 85 5.42 6.45 11.57
N ALA A 86 4.33 7.13 11.21
CA ALA A 86 3.22 7.36 12.12
C ALA A 86 2.09 8.08 11.40
N ASP A 87 1.03 8.38 12.14
CA ASP A 87 -0.07 9.20 11.64
C ASP A 87 0.15 10.66 12.01
N TYR A 88 -0.12 11.55 11.06
CA TYR A 88 0.00 12.98 11.32
C TYR A 88 -1.34 13.69 11.16
N TYR A 89 -1.64 14.53 12.14
CA TYR A 89 -2.88 15.31 12.13
C TYR A 89 -2.56 16.80 12.22
N CYS A 90 -3.21 17.60 11.36
CA CYS A 90 -3.21 19.05 11.51
C CYS A 90 -4.45 19.49 12.29
N ARG A 91 -4.37 20.68 12.90
CA ARG A 91 -5.41 21.19 13.77
C ARG A 91 -5.58 22.69 13.67
N SER A 92 -6.82 23.16 13.52
CA SER A 92 -7.10 24.58 13.47
C SER A 92 -7.93 25.08 14.66
N TRP A 93 -7.74 26.34 15.04
CA TRP A 93 -8.62 27.03 15.98
C TRP A 93 -9.26 28.22 15.28
N ASP A 94 -10.41 28.67 15.77
CA ASP A 94 -10.95 29.94 15.27
C ASP A 94 -10.19 31.11 15.90
N SER A 95 -10.22 32.27 15.26
CA SER A 95 -9.51 33.45 15.78
C SER A 95 -9.87 33.77 17.24
N ASN A 96 -11.14 33.59 17.58
CA ASN A 96 -11.62 33.80 18.94
C ASN A 96 -11.19 32.72 19.94
N LEU A 97 -10.51 31.68 19.44
CA LEU A 97 -10.03 30.55 20.25
C LEU A 97 -11.10 29.95 21.15
N SER A 98 -12.18 29.49 20.52
CA SER A 98 -13.34 28.92 21.24
C SER A 98 -13.87 27.67 20.56
N TYR A 99 -13.13 27.18 19.57
CA TYR A 99 -13.63 26.18 18.62
C TYR A 99 -12.48 25.66 17.77
N SER A 100 -12.24 24.34 17.85
CA SER A 100 -11.15 23.70 17.13
C SER A 100 -11.61 22.50 16.29
N VAL A 101 -10.84 22.21 15.23
CA VAL A 101 -11.14 21.10 14.34
C VAL A 101 -9.84 20.39 13.93
N PHE A 102 -9.89 19.07 13.72
CA PHE A 102 -8.71 18.33 13.23
C PHE A 102 -8.78 17.98 11.74
N GLY A 103 -7.62 17.69 11.15
CA GLY A 103 -7.56 17.24 9.76
C GLY A 103 -7.86 15.75 9.71
N GLY A 104 -8.05 15.23 8.49
CA GLY A 104 -8.34 13.81 8.28
C GLY A 104 -7.35 12.82 8.88
N GLY A 105 -6.07 13.17 8.88
CA GLY A 105 -5.01 12.25 9.30
C GLY A 105 -4.22 11.78 8.10
N THR A 106 -2.92 11.60 8.27
CA THR A 106 -2.10 11.09 7.17
C THR A 106 -1.18 10.01 7.70
N LYS A 107 -1.17 8.87 7.02
CA LYS A 107 -0.30 7.76 7.37
C LYS A 107 1.00 7.95 6.63
N LEU A 108 2.04 8.25 7.37
CA LEU A 108 3.35 8.44 6.78
C LEU A 108 4.06 7.12 6.82
N THR A 109 4.55 6.68 5.66
CA THR A 109 5.31 5.44 5.65
C THR A 109 6.70 5.68 5.06
N VAL A 110 7.71 5.08 5.69
CA VAL A 110 9.11 5.22 5.31
C VAL A 110 9.57 3.94 4.61
N LEU A 111 9.87 4.07 3.33
CA LEU A 111 10.23 2.92 2.52
C LEU A 111 11.65 2.47 2.81
N GLY A 112 12.00 1.29 2.32
CA GLY A 112 13.36 0.76 2.47
C GLY A 112 13.63 0.11 3.81
N GLN A 113 12.57 -0.08 4.60
CA GLN A 113 12.68 -0.88 5.81
C GLN A 113 13.10 -2.31 5.44
N PRO A 114 14.13 -2.84 6.11
CA PRO A 114 14.63 -4.19 5.84
C PRO A 114 13.59 -5.28 6.11
N LYS A 115 13.55 -6.27 5.23
CA LYS A 115 12.70 -7.44 5.40
C LYS A 115 13.19 -8.29 6.56
N ALA A 116 12.23 -8.83 7.30
CA ALA A 116 12.52 -9.58 8.51
C ALA A 116 11.59 -10.76 8.60
N ALA A 117 12.15 -11.95 8.85
CA ALA A 117 11.36 -13.17 9.00
C ALA A 117 10.81 -13.22 10.40
N PRO A 118 9.60 -13.79 10.57
CA PRO A 118 8.98 -13.84 11.90
C PRO A 118 9.63 -14.89 12.79
N SER A 119 9.65 -14.61 14.08
CA SER A 119 9.92 -15.68 15.03
C SER A 119 8.58 -16.08 15.62
N VAL A 120 8.42 -17.38 15.86
CA VAL A 120 7.16 -18.00 16.26
C VAL A 120 7.28 -18.69 17.61
N THR A 121 6.26 -18.54 18.44
CA THR A 121 6.19 -19.28 19.70
C THR A 121 4.86 -20.00 19.75
N LEU A 122 4.89 -21.29 20.05
CA LEU A 122 3.65 -22.06 20.14
C LEU A 122 3.48 -22.65 21.52
N PHE A 123 2.42 -22.23 22.21
CA PHE A 123 2.08 -22.80 23.52
C PHE A 123 0.98 -23.84 23.41
N PRO A 124 1.15 -24.98 24.11
CA PRO A 124 0.10 -26.00 24.24
C PRO A 124 -0.94 -25.57 25.29
N PRO A 125 -2.12 -26.21 25.30
CA PRO A 125 -3.11 -25.93 26.35
C PRO A 125 -2.52 -26.19 27.74
N SER A 126 -2.85 -25.35 28.71
CA SER A 126 -2.43 -25.59 30.10
C SER A 126 -3.33 -26.65 30.74
N SER A 127 -2.86 -27.24 31.85
CA SER A 127 -3.68 -28.20 32.62
C SER A 127 -4.94 -27.49 33.06
N GLU A 128 -4.76 -26.26 33.50
CA GLU A 128 -5.84 -25.48 34.06
C GLU A 128 -7.00 -25.42 33.09
N GLU A 129 -6.69 -25.14 31.83
CA GLU A 129 -7.72 -25.05 30.81
C GLU A 129 -8.30 -26.42 30.48
N LEU A 130 -7.44 -27.42 30.49
CA LEU A 130 -7.87 -28.78 30.18
C LEU A 130 -8.91 -29.26 31.16
N GLN A 131 -8.82 -28.77 32.41
CA GLN A 131 -9.80 -29.12 33.46
C GLN A 131 -11.12 -28.40 33.27
N ALA A 132 -11.05 -27.19 32.73
CA ALA A 132 -12.24 -26.43 32.32
C ALA A 132 -12.88 -27.08 31.09
N ASN A 133 -12.42 -28.29 30.74
CA ASN A 133 -12.88 -29.03 29.57
C ASN A 133 -12.75 -28.24 28.25
N LYS A 134 -11.67 -27.45 28.16
CA LYS A 134 -11.39 -26.70 26.95
C LYS A 134 -9.92 -26.85 26.60
N ALA A 135 -9.54 -26.31 25.43
CA ALA A 135 -8.16 -26.36 24.98
C ALA A 135 -7.90 -25.31 23.91
N THR A 136 -6.94 -24.45 24.17
CA THR A 136 -6.47 -23.51 23.16
C THR A 136 -4.97 -23.65 22.90
N LEU A 137 -4.63 -23.69 21.62
CA LEU A 137 -3.24 -23.62 21.19
C LEU A 137 -2.97 -22.19 20.79
N VAL A 138 -1.88 -21.63 21.30
CA VAL A 138 -1.57 -20.24 21.07
C VAL A 138 -0.30 -20.11 20.21
N CYS A 139 -0.45 -19.52 19.03
CA CYS A 139 0.68 -19.30 18.14
C CYS A 139 1.01 -17.82 18.09
N LEU A 140 2.22 -17.46 18.51
CA LEU A 140 2.63 -16.06 18.58
C LEU A 140 3.69 -15.68 17.54
N ILE A 141 3.28 -14.81 16.61
CA ILE A 141 4.10 -14.44 15.44
C ILE A 141 4.54 -13.00 15.60
N SER A 142 5.84 -12.79 15.69
CA SER A 142 6.36 -11.49 16.06
C SER A 142 7.59 -11.14 15.24
N ASP A 143 7.86 -9.83 15.14
CA ASP A 143 9.08 -9.31 14.53
C ASP A 143 9.22 -9.56 13.02
N PHE A 144 8.12 -9.47 12.27
CA PHE A 144 8.22 -9.63 10.81
C PHE A 144 7.92 -8.36 10.00
N TYR A 145 8.49 -8.25 8.80
CA TYR A 145 8.15 -7.18 7.87
C TYR A 145 8.42 -7.63 6.42
N PRO A 146 7.52 -7.29 5.47
CA PRO A 146 6.25 -6.56 5.59
C PRO A 146 5.21 -7.34 6.35
N GLY A 147 4.19 -6.65 6.84
CA GLY A 147 3.13 -7.24 7.65
C GLY A 147 2.11 -8.05 6.87
N ALA A 148 2.59 -9.11 6.21
CA ALA A 148 1.71 -10.07 5.53
C ALA A 148 2.19 -11.47 5.89
N VAL A 149 1.32 -12.26 6.52
CA VAL A 149 1.63 -13.66 6.78
C VAL A 149 0.43 -14.49 6.46
N THR A 150 0.64 -15.76 6.15
CA THR A 150 -0.44 -16.73 6.12
C THR A 150 -0.09 -17.81 7.13
N VAL A 151 -1.09 -18.28 7.86
CA VAL A 151 -0.88 -19.21 8.98
C VAL A 151 -1.67 -20.48 8.74
N ALA A 152 -1.06 -21.62 8.99
CA ALA A 152 -1.70 -22.88 8.70
C ALA A 152 -1.48 -23.82 9.86
N TRP A 153 -2.59 -24.33 10.42
CA TRP A 153 -2.52 -25.26 11.52
C TRP A 153 -2.56 -26.71 11.02
N LYS A 154 -1.89 -27.60 11.73
CA LYS A 154 -1.86 -29.01 11.36
C LYS A 154 -2.13 -29.89 12.57
N ALA A 155 -3.07 -30.81 12.40
CA ALA A 155 -3.31 -31.88 13.35
C ALA A 155 -2.58 -33.10 12.80
N ASP A 156 -1.48 -33.47 13.48
CA ASP A 156 -0.45 -34.32 12.89
C ASP A 156 0.18 -33.55 11.74
N SER A 157 -0.01 -34.07 10.51
CA SER A 157 0.36 -33.35 9.30
C SER A 157 -0.85 -33.18 8.36
N SER A 158 -2.04 -33.44 8.89
CA SER A 158 -3.27 -33.16 8.16
C SER A 158 -3.67 -31.69 8.45
N PRO A 159 -4.04 -30.92 7.40
CA PRO A 159 -4.45 -29.53 7.61
C PRO A 159 -5.77 -29.43 8.36
N VAL A 160 -5.86 -28.48 9.28
CA VAL A 160 -7.07 -28.26 10.06
C VAL A 160 -7.51 -26.81 9.97
N LYS A 161 -8.68 -26.60 9.42
CA LYS A 161 -9.21 -25.28 9.11
C LYS A 161 -10.24 -24.83 10.17
N ALA A 162 -11.08 -25.76 10.63
CA ALA A 162 -12.09 -25.45 11.66
C ALA A 162 -11.45 -25.06 13.00
N GLY A 163 -12.03 -24.07 13.67
CA GLY A 163 -11.53 -23.64 14.98
C GLY A 163 -10.39 -22.64 14.97
N VAL A 164 -9.88 -22.32 13.77
CA VAL A 164 -8.76 -21.36 13.66
C VAL A 164 -9.26 -19.93 13.83
N GLU A 165 -8.52 -19.15 14.60
CA GLU A 165 -8.81 -17.73 14.75
C GLU A 165 -7.49 -16.93 14.72
N THR A 166 -7.33 -16.11 13.68
CA THR A 166 -6.06 -15.41 13.43
C THR A 166 -6.24 -13.89 13.40
N THR A 167 -5.35 -13.16 14.07
CA THR A 167 -5.46 -11.69 14.04
C THR A 167 -4.94 -11.15 12.73
N THR A 168 -5.35 -9.94 12.41
CA THR A 168 -4.73 -9.13 11.38
C THR A 168 -3.36 -8.71 11.93
N PRO A 169 -2.32 -8.71 11.09
CA PRO A 169 -1.04 -8.29 11.65
C PRO A 169 -1.06 -6.79 11.90
N SER A 170 -0.50 -6.35 13.02
CA SER A 170 -0.52 -4.94 13.38
C SER A 170 0.85 -4.50 13.87
N LYS A 171 1.17 -3.24 13.64
CA LYS A 171 2.53 -2.72 13.75
C LYS A 171 3.00 -2.57 15.19
N GLN A 172 4.09 -3.25 15.53
CA GLN A 172 4.76 -3.07 16.82
C GLN A 172 5.45 -1.70 16.80
N SER A 173 5.98 -1.29 17.95
CA SER A 173 6.66 0.00 18.05
C SER A 173 8.12 -0.04 17.62
N ASN A 174 8.49 -0.98 16.75
CA ASN A 174 9.82 -0.96 16.14
C ASN A 174 9.67 -1.00 14.63
N ASN A 175 8.43 -0.72 14.19
CA ASN A 175 8.02 -0.77 12.78
C ASN A 175 7.89 -2.16 12.19
N LYS A 176 8.17 -3.18 13.00
CA LYS A 176 7.93 -4.56 12.60
C LYS A 176 6.54 -4.97 13.04
N TYR A 177 6.04 -6.06 12.47
CA TYR A 177 4.66 -6.48 12.77
C TYR A 177 4.61 -7.65 13.74
N ALA A 178 3.44 -7.79 14.37
CA ALA A 178 3.14 -8.90 15.25
C ALA A 178 1.75 -9.43 14.84
N ALA A 179 1.48 -10.70 15.13
CA ALA A 179 0.15 -11.27 14.93
C ALA A 179 0.04 -12.50 15.79
N SER A 180 -1.18 -12.88 16.11
CA SER A 180 -1.37 -14.14 16.79
C SER A 180 -2.43 -14.99 16.13
N SER A 181 -2.35 -16.29 16.37
CA SER A 181 -3.31 -17.25 15.85
C SER A 181 -3.69 -18.27 16.93
N TYR A 182 -4.99 -18.46 17.10
CA TYR A 182 -5.53 -19.33 18.15
C TYR A 182 -6.24 -20.53 17.57
N LEU A 183 -5.83 -21.73 17.99
CA LEU A 183 -6.59 -22.93 17.60
C LEU A 183 -7.43 -23.44 18.76
N SER A 184 -8.73 -23.51 18.54
CA SER A 184 -9.64 -24.12 19.51
C SER A 184 -9.93 -25.57 19.17
N LEU A 185 -9.84 -26.40 20.18
CA LEU A 185 -10.24 -27.79 20.05
C LEU A 185 -10.64 -28.33 21.40
N THR A 186 -11.30 -29.48 21.39
CA THR A 186 -11.74 -30.16 22.62
C THR A 186 -10.59 -31.01 23.19
N PRO A 187 -10.52 -31.12 24.53
CA PRO A 187 -9.47 -31.92 25.20
C PRO A 187 -9.24 -33.32 24.58
N GLU A 188 -10.31 -33.99 24.20
CA GLU A 188 -10.22 -35.33 23.59
C GLU A 188 -9.55 -35.16 22.23
N GLN A 189 -9.98 -34.14 21.48
CA GLN A 189 -9.43 -33.84 20.18
C GLN A 189 -7.92 -33.56 20.28
N TRP A 190 -7.53 -32.88 21.36
CA TRP A 190 -6.12 -32.60 21.65
C TRP A 190 -5.32 -33.84 22.01
N LYS A 191 -5.92 -34.75 22.78
CA LYS A 191 -5.15 -35.90 23.27
C LYS A 191 -5.12 -37.10 22.33
N SER A 192 -5.99 -37.09 21.32
CA SER A 192 -6.04 -38.15 20.32
C SER A 192 -4.93 -38.09 19.23
N HIS A 193 -4.57 -36.90 18.78
CA HIS A 193 -3.52 -36.74 17.74
C HIS A 193 -2.12 -36.79 18.33
N ARG A 194 -1.17 -37.26 17.53
CA ARG A 194 0.23 -37.42 17.94
C ARG A 194 0.93 -36.09 18.21
N SER A 195 0.47 -35.03 17.54
CA SER A 195 1.00 -33.68 17.72
C SER A 195 0.20 -32.67 16.90
N TYR A 196 0.39 -31.38 17.22
CA TYR A 196 -0.21 -30.27 16.48
C TYR A 196 0.87 -29.23 16.12
N SER A 197 0.73 -28.62 14.94
CA SER A 197 1.71 -27.61 14.46
C SER A 197 1.09 -26.35 13.86
N CYS A 198 1.65 -25.20 14.21
CA CYS A 198 1.29 -23.91 13.61
C CYS A 198 2.35 -23.53 12.60
N GLN A 199 1.94 -23.30 11.35
CA GLN A 199 2.90 -23.04 10.28
C GLN A 199 2.81 -21.61 9.77
N VAL A 200 3.88 -20.86 9.96
CA VAL A 200 3.90 -19.46 9.55
C VAL A 200 4.71 -19.31 8.27
N THR A 201 4.04 -18.88 7.21
CA THR A 201 4.72 -18.58 5.98
C THR A 201 4.70 -17.07 5.72
N HIS A 202 5.88 -16.50 5.45
CA HIS A 202 6.03 -15.05 5.34
C HIS A 202 6.31 -14.57 3.90
N GLU A 203 7.42 -14.98 3.32
CA GLU A 203 7.59 -14.73 1.90
C GLU A 203 8.21 -15.94 1.26
N GLY A 204 9.53 -15.98 1.19
CA GLY A 204 10.21 -17.19 0.80
C GLY A 204 10.33 -18.13 1.99
N SER A 205 9.80 -17.70 3.13
CA SER A 205 10.05 -18.38 4.41
C SER A 205 8.87 -19.16 4.97
N THR A 206 9.17 -20.37 5.46
CA THR A 206 8.22 -21.11 6.23
C THR A 206 8.87 -21.47 7.56
N VAL A 207 8.26 -20.98 8.63
CA VAL A 207 8.62 -21.38 9.98
C VAL A 207 7.48 -22.19 10.57
N GLU A 208 7.78 -23.40 11.02
CA GLU A 208 6.77 -24.28 11.60
C GLU A 208 7.16 -24.64 13.03
N LYS A 209 6.26 -24.43 13.98
CA LYS A 209 6.52 -24.90 15.34
C LYS A 209 5.47 -25.93 15.70
N THR A 210 5.86 -26.90 16.52
CA THR A 210 4.99 -28.02 16.77
C THR A 210 4.99 -28.49 18.23
N VAL A 211 3.79 -28.77 18.77
CA VAL A 211 3.66 -29.27 20.17
C VAL A 211 2.86 -30.57 20.29
N ALA A 212 2.97 -31.21 21.45
CA ALA A 212 2.42 -32.55 21.69
C ALA A 212 1.86 -32.75 23.11
N PRO A 213 0.74 -33.50 23.24
CA PRO A 213 0.16 -33.83 24.55
C PRO A 213 1.10 -34.59 25.49
N THR A 214 2.00 -35.30 25.05
N GLN B 3 1.20 13.73 34.41
CA GLN B 3 0.44 14.89 34.95
C GLN B 3 -1.10 14.73 34.89
N LEU B 4 -1.62 14.12 33.82
CA LEU B 4 -3.09 13.97 33.62
C LEU B 4 -3.61 12.55 33.73
N VAL B 5 -4.53 12.34 34.66
CA VAL B 5 -5.09 10.99 34.94
C VAL B 5 -6.60 10.94 34.72
N GLN B 6 -7.03 10.15 33.74
CA GLN B 6 -8.45 9.88 33.55
C GLN B 6 -8.90 8.52 34.09
N SER B 7 -10.21 8.32 34.14
CA SER B 7 -10.83 7.11 34.69
C SER B 7 -10.62 5.87 33.81
N GLY B 8 -11.00 4.71 34.33
CA GLY B 8 -10.90 3.47 33.58
C GLY B 8 -11.89 3.37 32.43
N ALA B 9 -11.66 2.40 31.56
CA ALA B 9 -12.49 2.16 30.37
C ALA B 9 -13.86 1.64 30.74
N GLU B 10 -14.84 1.81 29.85
CA GLU B 10 -16.22 1.45 30.16
C GLU B 10 -17.00 0.85 28.99
N VAL B 11 -18.06 0.13 29.33
CA VAL B 11 -18.99 -0.41 28.37
C VAL B 11 -20.37 0.15 28.67
N LYS B 12 -21.07 0.56 27.62
CA LYS B 12 -22.38 1.17 27.75
C LYS B 12 -23.36 0.61 26.74
N LYS B 13 -24.57 0.32 27.21
CA LYS B 13 -25.69 -0.03 26.33
C LYS B 13 -26.10 1.19 25.52
N PRO B 14 -26.44 1.00 24.23
CA PRO B 14 -26.83 2.14 23.40
C PRO B 14 -27.99 2.95 23.99
N GLY B 15 -27.78 4.25 24.18
CA GLY B 15 -28.79 5.14 24.76
C GLY B 15 -28.60 5.42 26.25
N SER B 16 -27.52 4.88 26.82
CA SER B 16 -27.14 5.13 28.21
C SER B 16 -26.28 6.39 28.32
N SER B 17 -25.85 6.69 29.55
CA SER B 17 -25.00 7.83 29.82
C SER B 17 -23.62 7.40 30.30
N VAL B 18 -22.61 8.18 29.94
CA VAL B 18 -21.24 7.90 30.33
C VAL B 18 -20.56 9.18 30.84
N LYS B 19 -20.06 9.11 32.06
CA LYS B 19 -19.32 10.20 32.66
C LYS B 19 -17.86 9.77 32.76
N VAL B 20 -16.98 10.51 32.10
CA VAL B 20 -15.54 10.26 32.12
C VAL B 20 -14.86 11.47 32.75
N SER B 21 -13.94 11.22 33.69
CA SER B 21 -13.27 12.28 34.44
C SER B 21 -11.81 12.48 34.03
N CYS B 22 -11.28 13.68 34.30
CA CYS B 22 -9.88 14.00 34.03
C CYS B 22 -9.26 14.75 35.22
N LYS B 23 -8.16 14.22 35.76
CA LYS B 23 -7.52 14.80 36.95
C LYS B 23 -6.23 15.57 36.63
N ALA B 24 -6.27 16.87 36.95
CA ALA B 24 -5.13 17.76 36.73
C ALA B 24 -4.52 18.18 38.08
N SER B 30 -0.60 26.18 35.52
CA SER B 30 -1.20 26.54 34.23
C SER B 30 -2.73 26.59 34.32
N ASN B 31 -3.33 27.63 33.74
CA ASN B 31 -4.80 27.72 33.70
C ASN B 31 -5.42 28.02 32.32
N TYR B 32 -5.34 27.03 31.44
CA TYR B 32 -6.09 27.02 30.18
C TYR B 32 -7.20 25.97 30.27
N ALA B 33 -8.04 25.93 29.25
CA ALA B 33 -9.21 25.04 29.23
C ALA B 33 -8.83 23.57 29.25
N ILE B 34 -9.76 22.75 29.72
CA ILE B 34 -9.63 21.30 29.65
C ILE B 34 -10.42 20.81 28.45
N ASN B 35 -9.69 20.35 27.44
CA ASN B 35 -10.29 19.94 26.18
C ASN B 35 -10.61 18.47 26.13
N TRP B 36 -11.60 18.11 25.31
CA TRP B 36 -11.95 16.71 25.09
C TRP B 36 -11.91 16.37 23.60
N VAL B 37 -11.13 15.34 23.28
CA VAL B 37 -10.90 14.88 21.91
C VAL B 37 -11.21 13.38 21.82
N ARG B 38 -11.99 12.96 20.83
CA ARG B 38 -12.21 11.51 20.65
C ARG B 38 -11.58 10.93 19.38
N GLN B 39 -11.32 9.62 19.44
CA GLN B 39 -10.83 8.89 18.29
C GLN B 39 -11.49 7.52 18.22
N ALA B 40 -12.38 7.32 17.26
CA ALA B 40 -12.97 6.00 17.03
C ALA B 40 -11.86 5.10 16.48
N PRO B 41 -11.88 3.79 16.81
CA PRO B 41 -10.70 3.00 16.41
C PRO B 41 -10.57 2.94 14.89
N GLY B 42 -9.35 3.18 14.43
CA GLY B 42 -9.06 3.30 13.00
C GLY B 42 -9.40 4.66 12.39
N GLN B 43 -10.05 5.53 13.17
CA GLN B 43 -10.48 6.84 12.70
C GLN B 43 -9.50 7.93 13.13
N GLY B 44 -9.72 9.12 12.59
CA GLY B 44 -8.93 10.27 12.95
C GLY B 44 -9.46 10.92 14.21
N LEU B 45 -8.67 11.84 14.75
CA LEU B 45 -9.05 12.64 15.91
C LEU B 45 -10.22 13.56 15.59
N GLU B 46 -10.91 13.98 16.65
CA GLU B 46 -12.16 14.71 16.54
C GLU B 46 -12.35 15.53 17.82
N TRP B 47 -12.52 16.85 17.66
CA TRP B 47 -12.68 17.74 18.82
C TRP B 47 -14.12 17.74 19.28
N MET B 48 -14.31 17.72 20.59
CA MET B 48 -15.65 17.71 21.16
C MET B 48 -16.00 19.05 21.78
N GLY B 49 -15.15 19.50 22.70
CA GLY B 49 -15.38 20.74 23.44
C GLY B 49 -14.33 20.96 24.52
N ASN B 50 -14.53 21.99 25.33
CA ASN B 50 -13.65 22.25 26.48
C ASN B 50 -14.33 23.05 27.58
N ILE B 51 -13.64 23.22 28.70
CA ILE B 51 -14.15 23.93 29.86
C ILE B 51 -13.05 24.71 30.59
N GLU B 52 -13.41 25.90 31.08
CA GLU B 52 -12.51 26.68 31.92
C GLU B 52 -12.92 26.56 33.39
N PRO B 53 -12.03 26.01 34.23
CA PRO B 53 -12.24 25.80 35.68
C PRO B 53 -12.94 26.94 36.44
N TYR B 54 -12.62 28.19 36.12
CA TYR B 54 -13.38 29.33 36.66
C TYR B 54 -14.35 29.93 35.64
N PHE B 55 -15.43 30.52 36.15
CA PHE B 55 -16.60 30.97 35.37
C PHE B 55 -17.38 29.80 34.75
N GLY B 56 -16.72 28.66 34.59
CA GLY B 56 -17.36 27.44 34.08
C GLY B 56 -17.82 27.53 32.64
N THR B 57 -17.27 28.48 31.89
CA THR B 57 -17.58 28.64 30.48
C THR B 57 -17.15 27.39 29.71
N ALA B 58 -18.09 26.85 28.93
CA ALA B 58 -17.85 25.65 28.15
C ALA B 58 -18.14 25.87 26.66
N ASN B 59 -17.33 25.23 25.82
CA ASN B 59 -17.50 25.29 24.38
C ASN B 59 -17.65 23.91 23.78
N TYR B 60 -18.53 23.79 22.78
CA TYR B 60 -18.77 22.53 22.10
C TYR B 60 -18.68 22.66 20.59
N ALA B 61 -18.12 21.64 19.95
CA ALA B 61 -18.22 21.49 18.51
C ALA B 61 -19.68 21.25 18.18
N GLN B 62 -20.15 21.84 17.10
CA GLN B 62 -21.59 21.82 16.76
C GLN B 62 -22.18 20.41 16.76
N LYS B 63 -21.39 19.45 16.31
CA LYS B 63 -21.78 18.04 16.23
C LYS B 63 -22.32 17.46 17.54
N PHE B 64 -21.55 17.57 18.61
CA PHE B 64 -21.90 16.97 19.91
C PHE B 64 -22.80 17.86 20.74
N GLN B 65 -22.93 19.12 20.33
CA GLN B 65 -23.69 20.14 21.05
C GLN B 65 -25.06 19.65 21.54
N GLY B 66 -25.35 19.95 22.81
CA GLY B 66 -26.59 19.52 23.43
C GLY B 66 -26.45 18.20 24.18
N ARG B 67 -26.04 17.16 23.45
CA ARG B 67 -25.92 15.83 24.05
C ARG B 67 -24.57 15.56 24.72
N VAL B 68 -23.77 16.60 24.89
CA VAL B 68 -22.50 16.50 25.62
C VAL B 68 -22.40 17.61 26.67
N THR B 69 -22.16 17.21 27.92
CA THR B 69 -21.99 18.18 28.99
C THR B 69 -20.62 18.01 29.61
N ILE B 70 -19.82 19.05 29.49
CA ILE B 70 -18.49 19.06 30.07
C ILE B 70 -18.55 19.93 31.31
N THR B 71 -18.13 19.37 32.44
CA THR B 71 -18.19 20.07 33.72
C THR B 71 -16.84 20.06 34.44
N ALA B 72 -16.65 21.03 35.32
CA ALA B 72 -15.45 21.13 36.12
C ALA B 72 -15.82 21.21 37.59
N ASP B 73 -14.98 20.61 38.41
CA ASP B 73 -15.11 20.68 39.85
C ASP B 73 -13.76 21.19 40.36
N GLU B 74 -13.73 22.44 40.77
CA GLU B 74 -12.50 23.12 41.18
C GLU B 74 -11.96 22.58 42.51
N SER B 75 -12.87 22.15 43.38
CA SER B 75 -12.53 21.50 44.65
C SER B 75 -11.48 20.40 44.53
N THR B 76 -11.40 19.78 43.34
CA THR B 76 -10.48 18.65 43.10
C THR B 76 -9.68 18.79 41.79
N SER B 77 -9.76 19.97 41.17
CA SER B 77 -9.23 20.26 39.82
C SER B 77 -9.49 19.12 38.79
N THR B 78 -10.76 18.71 38.71
CA THR B 78 -11.16 17.57 37.89
C THR B 78 -12.28 17.98 36.92
N ALA B 79 -12.20 17.44 35.70
CA ALA B 79 -13.16 17.74 34.64
C ALA B 79 -13.94 16.51 34.18
N TYR B 80 -15.22 16.70 33.90
CA TYR B 80 -16.10 15.63 33.51
C TYR B 80 -16.73 15.88 32.13
N MET B 81 -16.58 14.91 31.24
CA MET B 81 -17.28 14.92 29.97
C MET B 81 -18.37 13.86 30.04
N GLU B 82 -19.62 14.29 29.88
CA GLU B 82 -20.73 13.38 29.80
C GLU B 82 -21.28 13.37 28.37
N LEU B 83 -21.65 12.18 27.90
CA LEU B 83 -22.24 12.02 26.59
C LEU B 83 -23.47 11.11 26.72
N SER B 84 -24.61 11.64 26.32
CA SER B 84 -25.89 10.94 26.41
C SER B 84 -26.25 10.37 25.04
N SER B 85 -27.46 9.81 24.94
CA SER B 85 -27.97 9.22 23.69
C SER B 85 -26.90 8.36 23.01
N LEU B 86 -26.18 7.58 23.80
CA LEU B 86 -25.03 6.85 23.29
C LEU B 86 -25.47 5.89 22.20
N ARG B 87 -24.87 6.06 21.03
CA ARG B 87 -25.14 5.19 19.90
C ARG B 87 -23.89 4.33 19.74
N SER B 88 -24.00 3.22 18.99
CA SER B 88 -22.86 2.32 18.84
C SER B 88 -21.64 3.05 18.28
N GLU B 89 -21.85 3.92 17.30
CA GLU B 89 -20.76 4.65 16.60
C GLU B 89 -20.03 5.70 17.48
N ASP B 90 -20.53 5.89 18.71
CA ASP B 90 -19.82 6.65 19.74
C ASP B 90 -18.59 5.88 20.25
N THR B 91 -18.51 4.59 19.94
CA THR B 91 -17.39 3.75 20.39
C THR B 91 -16.07 4.39 19.92
N ALA B 92 -15.30 4.85 20.90
CA ALA B 92 -14.06 5.56 20.64
C ALA B 92 -13.18 5.58 21.88
N VAL B 93 -11.96 6.07 21.70
CA VAL B 93 -11.10 6.45 22.82
C VAL B 93 -11.33 7.93 23.06
N TYR B 94 -11.58 8.27 24.31
CA TYR B 94 -11.89 9.65 24.70
C TYR B 94 -10.74 10.23 25.51
N TYR B 95 -10.08 11.25 24.97
CA TYR B 95 -9.01 11.89 25.71
C TYR B 95 -9.44 13.24 26.23
N CYS B 96 -8.90 13.58 27.40
CA CYS B 96 -8.82 14.98 27.81
C CYS B 96 -7.42 15.50 27.45
N ALA B 97 -7.36 16.79 27.12
CA ALA B 97 -6.10 17.48 26.84
C ALA B 97 -6.16 18.91 27.36
N ARG B 98 -4.99 19.42 27.75
CA ARG B 98 -4.87 20.73 28.36
C ARG B 98 -3.53 21.34 27.98
N TYR B 99 -3.55 22.60 27.56
CA TYR B 99 -2.31 23.30 27.22
C TYR B 99 -1.57 23.79 28.47
N PHE B 100 -0.25 23.89 28.39
CA PHE B 100 0.54 24.50 29.47
C PHE B 100 1.83 25.17 28.99
N MET B 101 2.34 26.10 29.80
CA MET B 101 3.50 26.90 29.43
C MET B 101 4.72 26.66 30.33
N SER B 102 5.80 26.16 29.72
CA SER B 102 7.06 25.86 30.43
C SER B 102 8.16 26.88 30.12
N TYR B 103 8.81 26.71 28.95
CA TYR B 103 9.99 27.49 28.53
C TYR B 103 9.62 28.84 27.91
N LYS B 104 8.54 29.46 28.40
CA LYS B 104 7.76 30.43 27.60
C LYS B 104 7.23 29.71 26.35
N HIS B 105 7.50 28.41 26.26
CA HIS B 105 7.09 27.57 25.14
C HIS B 105 5.85 26.77 25.47
N LEU B 106 5.20 26.29 24.43
CA LEU B 106 3.94 25.56 24.54
C LEU B 106 4.15 24.05 24.57
N SER B 107 3.24 23.38 25.27
CA SER B 107 3.09 21.92 25.23
C SER B 107 1.67 21.62 25.66
N ASP B 108 1.05 20.59 25.09
CA ASP B 108 -0.21 20.13 25.69
C ASP B 108 -0.22 18.67 26.11
N TYR B 109 -0.49 18.47 27.40
CA TYR B 109 -0.57 17.16 27.97
C TYR B 109 -1.88 16.50 27.57
N TRP B 110 -1.76 15.25 27.13
CA TRP B 110 -2.90 14.40 26.82
C TRP B 110 -3.11 13.38 27.91
N GLY B 111 -4.38 13.05 28.19
CA GLY B 111 -4.68 11.95 29.10
C GLY B 111 -4.34 10.63 28.42
N GLN B 112 -4.31 9.55 29.20
CA GLN B 112 -3.98 8.25 28.62
C GLN B 112 -5.13 7.74 27.74
N GLY B 113 -6.27 8.39 27.85
CA GLY B 113 -7.44 8.05 27.04
C GLY B 113 -8.24 6.99 27.74
N THR B 114 -9.56 6.97 27.51
CA THR B 114 -10.38 5.90 28.03
C THR B 114 -11.29 5.41 26.92
N LEU B 115 -11.36 4.08 26.80
CA LEU B 115 -12.15 3.46 25.75
C LEU B 115 -13.58 3.23 26.22
N VAL B 116 -14.52 3.78 25.46
CA VAL B 116 -15.92 3.51 25.70
C VAL B 116 -16.44 2.73 24.50
N THR B 117 -16.89 1.51 24.79
CA THR B 117 -17.44 0.64 23.76
C THR B 117 -18.94 0.60 23.99
N VAL B 118 -19.69 0.74 22.89
CA VAL B 118 -21.14 0.73 22.94
C VAL B 118 -21.66 -0.45 22.12
N SER B 119 -22.37 -1.33 22.82
CA SER B 119 -22.87 -2.59 22.29
C SER B 119 -23.94 -3.09 23.24
N SER B 120 -24.88 -3.89 22.75
CA SER B 120 -25.84 -4.54 23.64
C SER B 120 -25.34 -5.93 24.04
N ALA B 121 -24.22 -6.33 23.46
CA ALA B 121 -23.54 -7.58 23.83
C ALA B 121 -23.07 -7.56 25.29
N SER B 122 -23.35 -8.64 26.03
CA SER B 122 -23.03 -8.70 27.46
C SER B 122 -21.53 -8.53 27.75
N THR B 123 -21.23 -7.91 28.89
CA THR B 123 -19.88 -7.77 29.41
C THR B 123 -19.46 -9.09 30.02
N LYS B 124 -18.25 -9.52 29.71
CA LYS B 124 -17.76 -10.77 30.24
C LYS B 124 -16.31 -10.59 30.63
N GLY B 125 -16.01 -10.78 31.92
CA GLY B 125 -14.63 -10.76 32.41
C GLY B 125 -13.82 -11.96 31.91
N PRO B 126 -12.49 -11.82 31.87
CA PRO B 126 -11.67 -12.84 31.24
C PRO B 126 -11.39 -14.05 32.14
N SER B 127 -11.07 -15.17 31.50
CA SER B 127 -10.45 -16.33 32.15
C SER B 127 -8.95 -16.25 31.89
N VAL B 128 -8.12 -16.46 32.91
CA VAL B 128 -6.67 -16.39 32.70
C VAL B 128 -5.98 -17.73 32.87
N PHE B 129 -5.33 -18.18 31.80
CA PHE B 129 -4.63 -19.44 31.88
C PHE B 129 -3.16 -19.21 31.71
N PRO B 130 -2.34 -20.00 32.43
CA PRO B 130 -0.91 -19.79 32.34
C PRO B 130 -0.36 -20.46 31.08
N LEU B 131 0.54 -19.76 30.41
CA LEU B 131 1.24 -20.32 29.26
C LEU B 131 2.67 -20.61 29.68
N ALA B 132 2.93 -21.87 30.01
CA ALA B 132 4.26 -22.30 30.46
C ALA B 132 4.98 -23.17 29.43
N PRO B 133 6.31 -23.08 29.38
CA PRO B 133 7.13 -23.96 28.53
C PRO B 133 7.47 -25.28 29.23
N SER B 134 7.75 -26.33 28.46
CA SER B 134 8.02 -27.67 29.02
C SER B 134 9.27 -27.73 29.91
N SER B 135 9.89 -26.57 30.17
CA SER B 135 11.17 -26.44 30.90
C SER B 135 12.31 -26.99 30.03
N LYS B 136 12.22 -28.28 29.75
CA LYS B 136 12.99 -28.91 28.70
C LYS B 136 12.37 -28.63 27.30
N SER B 137 11.71 -27.48 27.16
CA SER B 137 11.18 -27.02 25.86
C SER B 137 12.04 -25.93 25.23
N THR B 138 12.62 -25.07 26.07
CA THR B 138 13.26 -23.82 25.64
C THR B 138 14.77 -23.89 25.52
N SER B 139 15.29 -23.46 24.37
CA SER B 139 16.73 -23.48 24.11
C SER B 139 17.29 -22.05 24.00
N GLY B 140 18.25 -21.73 24.87
CA GLY B 140 19.08 -20.54 24.68
C GLY B 140 19.37 -19.60 25.83
N GLY B 141 19.34 -20.10 27.06
CA GLY B 141 19.50 -19.25 28.24
C GLY B 141 18.35 -18.27 28.35
N THR B 142 17.28 -18.58 27.62
CA THR B 142 16.10 -17.72 27.46
C THR B 142 14.86 -18.58 27.21
N ALA B 143 13.73 -18.16 27.78
CA ALA B 143 12.50 -18.93 27.71
C ALA B 143 11.29 -18.02 27.62
N ALA B 144 10.26 -18.46 26.89
CA ALA B 144 9.03 -17.70 26.82
C ALA B 144 7.93 -18.35 27.64
N LEU B 145 7.27 -17.53 28.45
CA LEU B 145 6.10 -17.93 29.22
C LEU B 145 5.08 -16.79 29.17
N GLY B 146 3.83 -17.08 29.51
CA GLY B 146 2.83 -16.04 29.45
C GLY B 146 1.49 -16.30 30.08
N CYS B 147 0.53 -15.44 29.73
CA CYS B 147 -0.87 -15.54 30.13
C CYS B 147 -1.78 -15.52 28.92
N LEU B 148 -2.62 -16.53 28.84
CA LEU B 148 -3.72 -16.54 27.91
C LEU B 148 -4.90 -15.84 28.60
N VAL B 149 -5.32 -14.69 28.08
CA VAL B 149 -6.45 -13.96 28.64
C VAL B 149 -7.62 -14.19 27.70
N LYS B 150 -8.48 -15.10 28.08
CA LYS B 150 -9.41 -15.73 27.16
C LYS B 150 -10.85 -15.36 27.46
N ASP B 151 -11.58 -15.06 26.40
CA ASP B 151 -13.05 -14.96 26.41
C ASP B 151 -13.63 -13.82 27.22
N TYR B 152 -13.23 -12.60 26.89
CA TYR B 152 -13.70 -11.41 27.60
C TYR B 152 -14.39 -10.46 26.64
N PHE B 153 -15.17 -9.53 27.19
CA PHE B 153 -15.81 -8.49 26.39
C PHE B 153 -16.27 -7.31 27.25
N PRO B 154 -16.08 -6.07 26.75
CA PRO B 154 -15.40 -5.68 25.53
C PRO B 154 -13.93 -5.39 25.82
N GLU B 155 -13.23 -4.79 24.85
CA GLU B 155 -11.87 -4.27 25.04
C GLU B 155 -11.92 -3.10 26.03
N PRO B 156 -10.78 -2.74 26.66
CA PRO B 156 -9.44 -3.31 26.61
C PRO B 156 -9.13 -4.17 27.85
N VAL B 157 -7.97 -4.81 27.79
CA VAL B 157 -7.45 -5.58 28.88
C VAL B 157 -6.03 -5.09 29.12
N THR B 158 -5.59 -5.15 30.36
CA THR B 158 -4.30 -4.63 30.74
C THR B 158 -3.53 -5.74 31.43
N VAL B 159 -2.31 -5.99 30.97
CA VAL B 159 -1.47 -7.02 31.57
C VAL B 159 -0.15 -6.46 32.07
N SER B 160 0.13 -6.67 33.34
CA SER B 160 1.44 -6.35 33.87
C SER B 160 2.04 -7.61 34.48
N TRP B 161 3.36 -7.63 34.65
CA TRP B 161 4.03 -8.78 35.20
C TRP B 161 4.72 -8.43 36.51
N ASN B 162 4.49 -9.26 37.53
CA ASN B 162 4.99 -9.02 38.89
C ASN B 162 4.66 -7.64 39.41
N SER B 163 3.42 -7.22 39.17
CA SER B 163 2.89 -5.93 39.63
C SER B 163 3.60 -4.70 39.05
N GLY B 164 4.22 -4.86 37.88
CA GLY B 164 4.98 -3.76 37.30
C GLY B 164 6.49 -3.89 37.52
N ALA B 165 6.90 -4.53 38.61
CA ALA B 165 8.33 -4.74 38.88
C ALA B 165 9.10 -5.33 37.70
N LEU B 166 8.45 -6.24 36.96
CA LEU B 166 9.03 -6.84 35.77
C LEU B 166 8.44 -6.14 34.55
N THR B 167 9.31 -5.48 33.78
CA THR B 167 8.82 -4.61 32.73
C THR B 167 9.45 -4.85 31.35
N SER B 168 10.68 -5.38 31.31
CA SER B 168 11.37 -5.59 30.04
C SER B 168 11.27 -7.03 29.52
N GLY B 169 11.33 -7.17 28.19
CA GLY B 169 11.13 -8.47 27.55
C GLY B 169 9.68 -8.92 27.59
N VAL B 170 8.78 -7.95 27.68
CA VAL B 170 7.37 -8.19 27.93
C VAL B 170 6.59 -7.79 26.67
N HIS B 171 5.91 -8.75 26.04
CA HIS B 171 5.20 -8.47 24.78
C HIS B 171 3.73 -8.90 24.91
N THR B 172 2.85 -7.90 24.96
CA THR B 172 1.43 -8.15 25.10
C THR B 172 0.79 -7.95 23.75
N PHE B 173 0.30 -9.03 23.16
CA PHE B 173 -0.19 -9.00 21.79
C PHE B 173 -1.61 -8.46 21.68
N PRO B 174 -1.92 -7.75 20.59
CA PRO B 174 -3.28 -7.32 20.27
C PRO B 174 -4.26 -8.50 20.29
N ALA B 175 -5.51 -8.25 20.68
CA ALA B 175 -6.49 -9.31 20.85
C ALA B 175 -6.98 -9.80 19.50
N VAL B 176 -7.48 -11.03 19.47
CA VAL B 176 -8.24 -11.56 18.35
C VAL B 176 -9.71 -11.46 18.74
N LEU B 177 -10.58 -11.11 17.80
CA LEU B 177 -12.00 -11.15 18.05
C LEU B 177 -12.48 -12.47 17.51
N GLN B 178 -12.78 -13.40 18.40
CA GLN B 178 -13.17 -14.73 18.00
C GLN B 178 -14.56 -14.73 17.38
N SER B 179 -14.88 -15.81 16.66
CA SER B 179 -16.20 -15.97 16.04
C SER B 179 -17.33 -15.82 17.04
N SER B 180 -17.09 -16.21 18.29
CA SER B 180 -18.12 -16.18 19.31
C SER B 180 -18.48 -14.75 19.73
N GLY B 181 -17.70 -13.78 19.30
CA GLY B 181 -17.91 -12.39 19.70
C GLY B 181 -17.19 -11.97 20.96
N LEU B 182 -16.31 -12.85 21.45
CA LEU B 182 -15.47 -12.53 22.60
C LEU B 182 -14.01 -12.36 22.17
N TYR B 183 -13.27 -11.57 22.93
CA TYR B 183 -11.86 -11.38 22.64
C TYR B 183 -11.00 -12.34 23.41
N SER B 184 -9.83 -12.63 22.87
CA SER B 184 -8.76 -13.32 23.58
C SER B 184 -7.47 -12.63 23.21
N LEU B 185 -6.52 -12.64 24.14
CA LEU B 185 -5.27 -11.92 23.96
C LEU B 185 -4.20 -12.65 24.75
N SER B 186 -2.93 -12.36 24.46
CA SER B 186 -1.83 -13.07 25.11
C SER B 186 -0.69 -12.15 25.45
N SER B 187 -0.14 -12.34 26.64
CA SER B 187 1.05 -11.59 27.07
C SER B 187 2.20 -12.57 27.32
N VAL B 188 3.37 -12.28 26.78
CA VAL B 188 4.55 -13.08 27.10
C VAL B 188 5.70 -12.30 27.72
N VAL B 189 6.39 -12.98 28.63
CA VAL B 189 7.67 -12.52 29.10
C VAL B 189 8.70 -13.49 28.53
N THR B 190 9.83 -12.94 28.06
CA THR B 190 11.01 -13.77 27.86
C THR B 190 11.85 -13.63 29.11
N VAL B 191 12.28 -14.77 29.64
CA VAL B 191 12.93 -14.84 30.97
C VAL B 191 14.17 -15.71 30.89
N PRO B 192 15.15 -15.51 31.82
CA PRO B 192 16.33 -16.39 31.74
C PRO B 192 15.90 -17.81 32.03
N SER B 193 16.47 -18.77 31.31
CA SER B 193 15.96 -20.14 31.32
C SER B 193 16.38 -20.94 32.55
N SER B 194 17.55 -20.61 33.12
CA SER B 194 18.12 -21.36 34.24
C SER B 194 17.26 -21.31 35.51
N SER B 195 16.76 -20.12 35.82
CA SER B 195 15.90 -19.90 36.98
C SER B 195 14.42 -20.16 36.68
N LEU B 196 14.15 -20.92 35.62
CA LEU B 196 12.79 -21.10 35.12
C LEU B 196 11.78 -21.44 36.21
N GLY B 197 11.93 -22.61 36.85
CA GLY B 197 10.92 -23.07 37.79
C GLY B 197 11.11 -22.64 39.24
N THR B 198 11.89 -21.58 39.45
CA THR B 198 12.22 -21.12 40.80
C THR B 198 11.86 -19.66 41.02
N GLN B 199 12.16 -18.84 40.04
CA GLN B 199 11.73 -17.45 40.01
C GLN B 199 10.21 -17.36 39.93
N THR B 200 9.65 -16.29 40.48
CA THR B 200 8.21 -16.08 40.44
C THR B 200 7.81 -15.23 39.24
N TYR B 201 6.84 -15.73 38.46
CA TYR B 201 6.26 -14.93 37.41
C TYR B 201 4.75 -14.93 37.54
N ILE B 202 4.21 -13.82 38.02
CA ILE B 202 2.77 -13.62 38.12
C ILE B 202 2.35 -12.58 37.08
N CYS B 203 1.27 -12.84 36.36
CA CYS B 203 0.71 -11.82 35.48
C CYS B 203 -0.54 -11.20 36.10
N ASN B 204 -0.65 -9.88 35.96
CA ASN B 204 -1.78 -9.14 36.50
C ASN B 204 -2.66 -8.59 35.41
N VAL B 205 -3.84 -9.20 35.31
CA VAL B 205 -4.84 -8.87 34.30
C VAL B 205 -5.88 -7.94 34.89
N ASN B 206 -6.21 -6.91 34.13
CA ASN B 206 -7.20 -5.93 34.54
C ASN B 206 -8.12 -5.70 33.36
N HIS B 207 -9.41 -5.79 33.59
CA HIS B 207 -10.40 -5.61 32.54
C HIS B 207 -11.43 -4.70 33.16
N LYS B 208 -11.18 -3.39 33.06
CA LYS B 208 -12.02 -2.42 33.76
C LYS B 208 -13.50 -2.55 33.44
N PRO B 209 -13.88 -2.76 32.16
CA PRO B 209 -15.33 -2.75 31.85
C PRO B 209 -16.21 -3.68 32.70
N SER B 210 -15.67 -4.78 33.20
CA SER B 210 -16.42 -5.66 34.11
C SER B 210 -15.91 -5.59 35.54
N ASN B 211 -14.86 -4.81 35.75
CA ASN B 211 -14.21 -4.68 37.05
C ASN B 211 -13.65 -5.99 37.57
N THR B 212 -12.97 -6.70 36.69
CA THR B 212 -12.33 -7.95 37.02
C THR B 212 -10.86 -7.65 37.15
N LYS B 213 -10.23 -8.19 38.18
CA LYS B 213 -8.77 -8.24 38.24
C LYS B 213 -8.37 -9.67 38.49
N VAL B 214 -7.40 -10.17 37.73
CA VAL B 214 -6.92 -11.52 37.95
C VAL B 214 -5.41 -11.56 38.01
N ASP B 215 -4.89 -12.17 39.08
CA ASP B 215 -3.47 -12.46 39.22
C ASP B 215 -3.23 -13.96 39.05
N LYS B 216 -2.40 -14.32 38.07
CA LYS B 216 -2.06 -15.71 37.83
C LYS B 216 -0.58 -15.96 38.00
N LYS B 217 -0.26 -16.92 38.87
CA LYS B 217 1.10 -17.40 39.05
C LYS B 217 1.46 -18.38 37.94
N VAL B 218 2.27 -17.93 36.99
CA VAL B 218 2.71 -18.81 35.91
C VAL B 218 3.87 -19.69 36.32
N GLU B 219 4.67 -19.22 37.28
CA GLU B 219 5.84 -19.96 37.76
C GLU B 219 6.22 -19.57 39.20
N PRO B 220 6.53 -20.57 40.06
CA PRO B 220 6.42 -22.02 39.80
C PRO B 220 4.98 -22.54 39.92
N LYS B 221 4.04 -21.74 40.03
N GLN C 3 2.74 13.14 -36.35
CA GLN C 3 3.83 14.13 -36.60
C GLN C 3 4.90 14.11 -35.48
N LEU C 4 5.40 12.91 -35.19
CA LEU C 4 6.59 12.67 -34.36
C LEU C 4 6.76 11.16 -34.15
N VAL C 5 7.59 10.54 -35.00
CA VAL C 5 7.78 9.08 -35.03
C VAL C 5 9.24 8.63 -34.93
N GLN C 6 9.49 7.71 -33.99
CA GLN C 6 10.83 7.17 -33.77
C GLN C 6 10.99 5.70 -34.20
N SER C 7 12.25 5.28 -34.38
CA SER C 7 12.60 3.94 -34.81
C SER C 7 12.08 2.84 -33.88
N GLY C 8 11.95 1.63 -34.41
CA GLY C 8 11.43 0.49 -33.66
C GLY C 8 12.37 0.00 -32.58
N ALA C 9 11.82 -0.87 -31.72
CA ALA C 9 12.52 -1.36 -30.54
C ALA C 9 13.73 -2.21 -30.91
N GLU C 10 14.66 -2.35 -29.97
CA GLU C 10 15.96 -2.92 -30.29
C GLU C 10 16.58 -3.72 -29.16
N VAL C 11 17.39 -4.71 -29.51
CA VAL C 11 18.21 -5.42 -28.53
C VAL C 11 19.69 -5.26 -28.88
N LYS C 12 20.49 -5.01 -27.85
CA LYS C 12 21.93 -4.80 -28.03
C LYS C 12 22.72 -5.52 -26.94
N LYS C 13 23.91 -5.98 -27.31
CA LYS C 13 24.84 -6.66 -26.41
C LYS C 13 25.67 -5.61 -25.68
N PRO C 14 25.81 -5.73 -24.34
CA PRO C 14 26.50 -4.77 -23.48
C PRO C 14 27.69 -4.05 -24.15
N GLY C 15 27.75 -2.73 -23.98
CA GLY C 15 28.75 -1.89 -24.61
C GLY C 15 28.23 -1.30 -25.90
N SER C 16 28.10 -2.16 -26.91
CA SER C 16 27.77 -1.83 -28.32
C SER C 16 26.90 -0.59 -28.59
N SER C 17 26.75 -0.25 -29.87
CA SER C 17 26.12 1.01 -30.30
C SER C 17 24.64 0.92 -30.68
N VAL C 18 23.89 1.96 -30.32
CA VAL C 18 22.46 2.04 -30.63
C VAL C 18 22.07 3.43 -31.15
N LYS C 19 21.61 3.47 -32.40
CA LYS C 19 21.24 4.73 -33.06
C LYS C 19 19.72 4.83 -33.22
N VAL C 20 19.09 5.58 -32.30
CA VAL C 20 17.65 5.73 -32.25
C VAL C 20 17.17 6.92 -33.10
N SER C 21 16.23 6.69 -34.01
CA SER C 21 15.69 7.75 -34.88
C SER C 21 14.63 8.62 -34.15
N CYS C 22 14.10 9.62 -34.86
CA CYS C 22 13.00 10.50 -34.38
C CYS C 22 12.64 11.53 -35.47
N LYS C 23 11.38 11.53 -35.92
CA LYS C 23 10.97 12.36 -37.08
C LYS C 23 9.98 13.50 -36.77
N ALA C 24 10.34 14.71 -37.20
CA ALA C 24 9.49 15.90 -37.06
C ALA C 24 8.26 15.85 -37.97
N ASN C 31 9.95 26.03 -33.13
CA ASN C 31 11.25 25.57 -33.62
C ASN C 31 12.27 25.43 -32.50
N TYR C 32 11.93 24.57 -31.53
CA TYR C 32 12.76 24.34 -30.34
C TYR C 32 13.53 23.03 -30.46
N ALA C 33 14.48 22.81 -29.55
CA ALA C 33 15.33 21.63 -29.60
C ALA C 33 14.55 20.33 -29.39
N ILE C 34 15.06 19.25 -29.95
CA ILE C 34 14.46 17.93 -29.82
C ILE C 34 15.13 17.19 -28.66
N ASN C 35 14.34 16.93 -27.62
CA ASN C 35 14.84 16.43 -26.34
C ASN C 35 14.78 14.91 -26.19
N TRP C 36 15.76 14.33 -25.50
CA TRP C 36 15.79 12.90 -25.26
C TRP C 36 15.63 12.55 -23.78
N VAL C 37 14.57 11.79 -23.48
CA VAL C 37 14.27 11.38 -22.11
C VAL C 37 14.24 9.87 -22.07
N ARG C 38 14.78 9.28 -21.00
CA ARG C 38 14.73 7.83 -20.82
C ARG C 38 13.92 7.41 -19.58
N GLN C 39 13.34 6.22 -19.65
CA GLN C 39 12.65 5.64 -18.50
C GLN C 39 12.95 4.15 -18.40
N ALA C 40 13.75 3.77 -17.41
CA ALA C 40 14.07 2.37 -17.16
C ALA C 40 12.82 1.71 -16.58
N PRO C 41 12.71 0.37 -16.74
CA PRO C 41 11.50 -0.35 -16.29
C PRO C 41 11.23 -0.06 -14.82
N GLY C 42 9.98 0.29 -14.51
CA GLY C 42 9.59 0.65 -13.14
C GLY C 42 10.16 1.96 -12.63
N GLN C 43 11.38 2.29 -13.04
CA GLN C 43 12.08 3.51 -12.63
C GLN C 43 11.44 4.79 -13.20
N GLY C 44 11.95 5.95 -12.76
CA GLY C 44 11.39 7.24 -13.16
C GLY C 44 12.02 7.83 -14.41
N LEU C 45 11.42 8.91 -14.90
CA LEU C 45 11.92 9.62 -16.09
C LEU C 45 13.27 10.27 -15.81
N GLU C 46 14.08 10.40 -16.85
CA GLU C 46 15.44 10.89 -16.71
C GLU C 46 15.79 11.71 -17.96
N TRP C 47 16.20 12.96 -17.78
CA TRP C 47 16.58 13.79 -18.93
C TRP C 47 17.98 13.44 -19.42
N MET C 48 18.22 13.62 -20.71
CA MET C 48 19.49 13.24 -21.33
C MET C 48 20.19 14.39 -22.05
N GLY C 49 19.46 15.03 -22.96
CA GLY C 49 20.02 16.11 -23.79
C GLY C 49 19.04 16.60 -24.84
N ASN C 50 19.54 17.44 -25.75
CA ASN C 50 18.76 17.91 -26.89
C ASN C 50 19.64 18.49 -28.00
N ILE C 51 19.02 18.90 -29.11
CA ILE C 51 19.72 19.46 -30.26
C ILE C 51 18.78 20.32 -31.13
N GLU C 52 19.31 21.42 -31.65
CA GLU C 52 18.53 22.41 -32.42
C GLU C 52 18.45 22.06 -33.93
N PRO C 53 17.77 22.91 -34.74
CA PRO C 53 17.83 22.74 -36.19
C PRO C 53 19.16 23.18 -36.77
N TYR C 54 19.67 24.32 -36.29
CA TYR C 54 20.94 24.88 -36.78
C TYR C 54 22.10 24.78 -35.77
N PHE C 55 23.32 24.78 -36.31
CA PHE C 55 24.60 24.70 -35.57
C PHE C 55 24.82 23.36 -34.84
N GLY C 56 23.82 22.47 -34.93
CA GLY C 56 23.86 21.17 -34.27
C GLY C 56 24.25 21.28 -32.82
N THR C 57 23.85 22.40 -32.21
CA THR C 57 24.20 22.71 -30.83
C THR C 57 23.49 21.74 -29.88
N ALA C 58 24.30 20.99 -29.14
CA ALA C 58 23.81 19.91 -28.28
C ALA C 58 24.21 20.07 -26.82
N ASN C 59 23.23 19.90 -25.93
CA ASN C 59 23.45 19.93 -24.49
C ASN C 59 23.24 18.55 -23.88
N TYR C 60 23.82 18.31 -22.71
CA TYR C 60 23.82 17.00 -22.05
C TYR C 60 23.71 17.10 -20.53
N ALA C 61 22.96 16.18 -19.91
CA ALA C 61 23.06 15.97 -18.48
C ALA C 61 24.39 15.28 -18.20
N GLN C 62 25.03 15.62 -17.08
CA GLN C 62 26.38 15.12 -16.76
C GLN C 62 26.47 13.58 -16.74
N LYS C 63 25.46 12.94 -16.17
CA LYS C 63 25.43 11.48 -16.01
C LYS C 63 25.72 10.76 -17.33
N PHE C 64 25.26 11.36 -18.42
CA PHE C 64 25.30 10.72 -19.72
C PHE C 64 26.50 11.12 -20.57
N GLN C 65 26.97 12.34 -20.40
CA GLN C 65 28.11 12.85 -21.17
C GLN C 65 29.31 11.92 -20.98
N GLY C 66 29.97 11.61 -22.10
CA GLY C 66 31.03 10.60 -22.11
C GLY C 66 30.54 9.25 -22.58
N ARG C 67 29.22 9.06 -22.55
CA ARG C 67 28.63 7.82 -23.04
C ARG C 67 27.44 8.03 -24.00
N VAL C 68 26.92 9.24 -24.07
CA VAL C 68 25.85 9.58 -25.04
C VAL C 68 26.33 10.59 -26.09
N THR C 69 25.84 10.43 -27.31
CA THR C 69 26.12 11.36 -28.41
C THR C 69 24.87 11.60 -29.24
N ILE C 70 24.29 12.79 -29.09
CA ILE C 70 23.13 13.18 -29.89
C ILE C 70 23.57 13.91 -31.17
N THR C 71 22.78 13.77 -32.24
CA THR C 71 23.04 14.45 -33.51
C THR C 71 21.73 14.71 -34.28
N ALA C 72 21.80 15.60 -35.27
CA ALA C 72 20.62 16.00 -36.02
C ALA C 72 20.85 16.10 -37.51
N ASP C 73 19.80 15.82 -38.29
CA ASP C 73 19.83 15.91 -39.73
C ASP C 73 18.79 16.94 -40.13
N GLU C 74 19.21 18.03 -40.79
CA GLU C 74 18.28 19.09 -41.16
C GLU C 74 17.44 18.73 -42.38
N SER C 75 18.10 18.29 -43.45
CA SER C 75 17.42 17.91 -44.70
C SER C 75 16.14 17.10 -44.47
N THR C 76 16.20 16.11 -43.58
CA THR C 76 15.05 15.24 -43.32
C THR C 76 14.31 15.58 -42.01
N SER C 77 14.81 16.58 -41.27
CA SER C 77 14.30 16.94 -39.93
C SER C 77 14.15 15.72 -38.99
N THR C 78 15.14 14.83 -39.06
CA THR C 78 15.20 13.62 -38.27
C THR C 78 16.32 13.76 -37.24
N ALA C 79 15.98 13.52 -35.98
CA ALA C 79 16.97 13.59 -34.91
C ALA C 79 17.43 12.20 -34.45
N TYR C 80 18.74 12.08 -34.25
CA TYR C 80 19.38 10.84 -33.84
C TYR C 80 20.01 10.94 -32.47
N MET C 81 19.65 10.01 -31.59
CA MET C 81 20.33 9.85 -30.31
C MET C 81 21.12 8.55 -30.37
N GLU C 82 22.44 8.68 -30.24
CA GLU C 82 23.32 7.52 -30.13
C GLU C 82 23.82 7.37 -28.71
N LEU C 83 24.00 6.12 -28.29
CA LEU C 83 24.49 5.83 -26.95
C LEU C 83 25.39 4.62 -26.99
N SER C 84 26.58 4.75 -26.39
CA SER C 84 27.50 3.62 -26.17
C SER C 84 27.75 3.36 -24.67
N SER C 85 28.76 2.55 -24.37
CA SER C 85 28.98 2.02 -23.01
C SER C 85 27.65 1.48 -22.45
N LEU C 86 27.07 0.54 -23.19
CA LEU C 86 25.81 -0.09 -22.80
C LEU C 86 26.05 -1.07 -21.66
N ARG C 87 25.34 -0.86 -20.56
CA ARG C 87 25.69 -1.51 -19.31
C ARG C 87 24.52 -2.26 -18.69
N SER C 88 24.77 -2.77 -17.50
CA SER C 88 23.82 -3.57 -16.73
C SER C 88 22.41 -2.95 -16.62
N GLU C 89 22.27 -1.68 -16.99
CA GLU C 89 21.06 -0.88 -16.68
C GLU C 89 20.69 0.23 -17.69
N ASP C 90 21.32 0.26 -18.87
CA ASP C 90 20.89 1.16 -19.95
C ASP C 90 19.49 0.80 -20.48
N THR C 91 19.07 -0.43 -20.18
CA THR C 91 17.77 -0.96 -20.58
C THR C 91 16.64 -0.03 -20.11
N ALA C 92 15.99 0.59 -21.09
CA ALA C 92 14.94 1.57 -20.84
C ALA C 92 14.11 1.81 -22.09
N VAL C 93 13.04 2.58 -21.92
CA VAL C 93 12.32 3.17 -23.04
C VAL C 93 12.94 4.54 -23.30
N TYR C 94 13.25 4.81 -24.56
CA TYR C 94 13.87 6.08 -24.95
C TYR C 94 12.89 6.93 -25.76
N TYR C 95 12.53 8.08 -25.21
CA TYR C 95 11.58 8.98 -25.85
C TYR C 95 12.31 10.17 -26.41
N CYS C 96 11.86 10.61 -27.59
CA CYS C 96 12.14 11.98 -28.01
C CYS C 96 10.91 12.85 -27.73
N ALA C 97 11.17 14.11 -27.38
CA ALA C 97 10.10 15.08 -27.11
C ALA C 97 10.48 16.45 -27.64
N ARG C 98 9.48 17.22 -28.06
CA ARG C 98 9.69 18.54 -28.62
C ARG C 98 8.52 19.45 -28.26
N TYR C 99 8.83 20.68 -27.84
CA TYR C 99 7.80 21.65 -27.50
C TYR C 99 7.21 22.27 -28.75
N PHE C 100 5.95 22.70 -28.68
CA PHE C 100 5.35 23.50 -29.76
C PHE C 100 4.25 24.46 -29.28
N MET C 101 4.01 25.50 -30.09
CA MET C 101 3.09 26.59 -29.77
C MET C 101 1.84 26.56 -30.64
N SER C 102 0.69 26.30 -30.02
CA SER C 102 -0.60 26.19 -30.73
C SER C 102 -1.49 27.44 -30.58
N TYR C 103 -2.30 27.48 -29.52
CA TYR C 103 -3.22 28.59 -29.25
C TYR C 103 -2.52 29.62 -28.37
N LYS C 104 -1.34 30.07 -28.83
CA LYS C 104 -0.36 30.78 -28.01
C LYS C 104 0.13 29.94 -26.82
N HIS C 105 -0.64 28.90 -26.47
CA HIS C 105 -0.30 28.03 -25.37
C HIS C 105 0.78 27.02 -25.75
N LEU C 106 1.32 26.38 -24.72
CA LEU C 106 2.36 25.38 -24.89
C LEU C 106 1.80 23.95 -24.83
N SER C 107 2.51 23.05 -25.51
CA SER C 107 2.29 21.61 -25.45
C SER C 107 3.59 20.98 -25.94
N ASP C 108 3.96 19.84 -25.36
CA ASP C 108 5.07 19.10 -25.95
C ASP C 108 4.74 17.68 -26.32
N TYR C 109 4.92 17.41 -27.61
CA TYR C 109 4.62 16.12 -28.19
C TYR C 109 5.75 15.14 -27.85
N TRP C 110 5.36 13.97 -27.37
CA TRP C 110 6.30 12.91 -27.05
C TRP C 110 6.22 11.85 -28.13
N GLY C 111 7.35 11.21 -28.41
CA GLY C 111 7.36 10.06 -29.32
C GLY C 111 6.73 8.85 -28.64
N GLN C 112 6.41 7.83 -29.43
CA GLN C 112 5.80 6.62 -28.88
C GLN C 112 6.77 5.91 -27.93
N GLY C 113 8.05 6.25 -28.02
CA GLY C 113 9.10 5.61 -27.22
C GLY C 113 9.62 4.38 -27.92
N THR C 114 10.89 4.06 -27.71
CA THR C 114 11.48 2.84 -28.23
C THR C 114 12.18 2.11 -27.10
N LEU C 115 11.88 0.82 -26.94
CA LEU C 115 12.55 0.06 -25.90
C LEU C 115 13.86 -0.50 -26.41
N VAL C 116 14.92 -0.23 -25.64
CA VAL C 116 16.22 -0.84 -25.88
C VAL C 116 16.53 -1.74 -24.70
N THR C 117 16.65 -3.03 -24.98
CA THR C 117 16.98 -4.03 -23.97
C THR C 117 18.42 -4.44 -24.19
N VAL C 118 19.19 -4.48 -23.09
CA VAL C 118 20.59 -4.85 -23.15
C VAL C 118 20.81 -6.12 -22.34
N SER C 119 21.21 -7.19 -23.03
CA SER C 119 21.53 -8.47 -22.39
C SER C 119 22.45 -9.24 -23.32
N SER C 120 23.03 -10.31 -22.80
CA SER C 120 23.84 -11.22 -23.61
C SER C 120 22.98 -12.41 -24.02
N ALA C 121 21.74 -12.44 -23.52
CA ALA C 121 20.72 -13.40 -23.93
C ALA C 121 20.35 -13.20 -25.40
N SER C 122 20.20 -14.29 -26.14
CA SER C 122 19.97 -14.22 -27.58
C SER C 122 18.55 -13.81 -27.96
N THR C 123 18.47 -13.15 -29.11
CA THR C 123 17.19 -12.74 -29.69
C THR C 123 16.48 -13.98 -30.21
N LYS C 124 15.22 -14.16 -29.82
CA LYS C 124 14.41 -15.20 -30.44
C LYS C 124 13.07 -14.60 -30.82
N GLY C 125 12.70 -14.74 -32.09
CA GLY C 125 11.36 -14.37 -32.54
C GLY C 125 10.27 -15.30 -32.00
N PRO C 126 9.02 -14.84 -31.99
CA PRO C 126 7.96 -15.64 -31.37
C PRO C 126 7.47 -16.78 -32.23
N SER C 127 6.86 -17.77 -31.58
CA SER C 127 6.01 -18.77 -32.23
C SER C 127 4.59 -18.35 -31.92
N VAL C 128 3.74 -18.35 -32.94
CA VAL C 128 2.37 -17.88 -32.71
C VAL C 128 1.35 -19.01 -32.94
N PHE C 129 0.64 -19.35 -31.86
CA PHE C 129 -0.34 -20.41 -31.91
C PHE C 129 -1.72 -19.79 -31.75
N PRO C 130 -2.72 -20.35 -32.47
CA PRO C 130 -4.10 -19.88 -32.34
C PRO C 130 -4.75 -20.36 -31.05
N LEU C 131 -5.47 -19.47 -30.38
CA LEU C 131 -6.30 -19.87 -29.24
C LEU C 131 -7.75 -19.75 -29.64
N ALA C 132 -8.36 -20.89 -29.93
CA ALA C 132 -9.79 -20.98 -30.30
C ALA C 132 -10.57 -21.80 -29.25
N PRO C 133 -11.85 -21.45 -29.01
CA PRO C 133 -12.66 -22.34 -28.16
C PRO C 133 -13.21 -23.53 -28.98
N SER C 134 -13.70 -24.56 -28.30
CA SER C 134 -14.01 -25.84 -28.96
C SER C 134 -15.31 -25.90 -29.78
N SER C 135 -16.23 -24.96 -29.52
CA SER C 135 -17.62 -24.95 -30.06
C SER C 135 -18.60 -25.32 -28.96
N LYS C 136 -18.59 -26.60 -28.55
CA LYS C 136 -19.27 -27.00 -27.31
C LYS C 136 -18.32 -26.81 -26.10
N SER C 137 -18.19 -25.56 -25.68
CA SER C 137 -17.21 -25.07 -24.69
C SER C 137 -17.40 -23.56 -24.53
N THR C 138 -18.10 -22.99 -25.52
CA THR C 138 -18.32 -21.56 -25.65
C THR C 138 -19.80 -21.31 -25.36
N SER C 139 -20.14 -20.25 -24.63
CA SER C 139 -21.54 -20.05 -24.20
C SER C 139 -22.09 -18.62 -24.24
N GLY C 140 -23.25 -18.52 -24.90
CA GLY C 140 -24.14 -17.36 -24.81
C GLY C 140 -23.84 -16.22 -25.75
N GLY C 141 -24.01 -16.49 -27.05
CA GLY C 141 -23.85 -15.47 -28.10
C GLY C 141 -22.57 -14.66 -28.05
N THR C 142 -21.62 -15.10 -27.21
CA THR C 142 -20.33 -14.45 -27.04
C THR C 142 -19.22 -15.50 -26.91
N ALA C 143 -18.00 -15.15 -27.29
CA ALA C 143 -16.90 -16.10 -27.32
C ALA C 143 -15.54 -15.42 -27.42
N ALA C 144 -14.55 -15.98 -26.75
CA ALA C 144 -13.20 -15.44 -26.71
C ALA C 144 -12.27 -16.31 -27.52
N LEU C 145 -11.45 -15.67 -28.34
CA LEU C 145 -10.42 -16.34 -29.12
C LEU C 145 -9.17 -15.46 -29.11
N GLY C 146 -8.02 -16.03 -29.48
CA GLY C 146 -6.80 -15.26 -29.43
C GLY C 146 -5.56 -15.84 -30.06
N CYS C 147 -4.42 -15.26 -29.67
CA CYS C 147 -3.09 -15.70 -30.07
C CYS C 147 -2.19 -15.87 -28.88
N LEU C 148 -1.60 -17.05 -28.78
CA LEU C 148 -0.51 -17.30 -27.87
C LEU C 148 0.75 -16.90 -28.60
N VAL C 149 1.46 -15.91 -28.06
CA VAL C 149 2.72 -15.46 -28.63
C VAL C 149 3.82 -15.99 -27.74
N LYS C 150 4.41 -17.09 -28.17
CA LYS C 150 5.15 -17.95 -27.26
C LYS C 150 6.66 -17.92 -27.52
N ASP C 151 7.43 -17.82 -26.45
CA ASP C 151 8.89 -18.02 -26.46
C ASP C 151 9.68 -17.07 -27.34
N TYR C 152 9.58 -15.78 -27.04
CA TYR C 152 10.35 -14.78 -27.75
C TYR C 152 11.27 -14.01 -26.80
N PHE C 153 12.28 -13.34 -27.35
CA PHE C 153 13.12 -12.46 -26.55
C PHE C 153 13.87 -11.44 -27.41
N PRO C 154 13.96 -10.19 -26.94
CA PRO C 154 13.39 -9.62 -25.73
C PRO C 154 12.05 -9.01 -26.02
N GLU C 155 11.50 -8.30 -25.04
CA GLU C 155 10.35 -7.42 -25.20
C GLU C 155 10.71 -6.30 -26.19
N PRO C 156 9.69 -5.62 -26.77
CA PRO C 156 8.26 -5.82 -26.74
C PRO C 156 7.71 -6.60 -27.94
N VAL C 157 6.46 -7.00 -27.85
CA VAL C 157 5.74 -7.62 -28.94
C VAL C 157 4.47 -6.79 -29.23
N THR C 158 4.04 -6.77 -30.47
CA THR C 158 2.90 -5.97 -30.85
C THR C 158 1.87 -6.87 -31.49
N VAL C 159 0.62 -6.80 -31.01
CA VAL C 159 -0.45 -7.59 -31.60
C VAL C 159 -1.59 -6.71 -32.11
N SER C 160 -1.92 -6.87 -33.38
CA SER C 160 -3.11 -6.24 -33.94
C SER C 160 -4.03 -7.34 -34.49
N TRP C 161 -5.32 -7.05 -34.62
CA TRP C 161 -6.25 -8.01 -35.20
C TRP C 161 -6.86 -7.49 -36.50
N ASN C 162 -6.92 -8.40 -37.48
CA ASN C 162 -7.36 -8.09 -38.85
C ASN C 162 -6.68 -6.85 -39.43
N SER C 163 -5.35 -6.81 -39.31
CA SER C 163 -4.52 -5.73 -39.82
C SER C 163 -4.98 -4.36 -39.31
N GLY C 164 -5.47 -4.32 -38.07
CA GLY C 164 -5.97 -3.10 -37.47
C GLY C 164 -7.46 -2.85 -37.62
N ALA C 165 -8.11 -3.63 -38.49
CA ALA C 165 -9.55 -3.45 -38.80
C ALA C 165 -10.49 -3.80 -37.65
N LEU C 166 -10.04 -4.68 -36.75
CA LEU C 166 -10.85 -5.11 -35.61
C LEU C 166 -10.16 -4.69 -34.32
N THR C 167 -10.82 -3.83 -33.56
CA THR C 167 -10.19 -3.24 -32.39
C THR C 167 -11.09 -3.28 -31.14
N SER C 168 -12.40 -3.37 -31.37
CA SER C 168 -13.38 -3.48 -30.29
C SER C 168 -13.30 -4.81 -29.55
N GLY C 169 -13.05 -4.74 -28.24
CA GLY C 169 -13.04 -5.93 -27.39
C GLY C 169 -11.75 -6.72 -27.50
N VAL C 170 -10.65 -6.02 -27.64
CA VAL C 170 -9.34 -6.63 -27.79
C VAL C 170 -8.58 -6.37 -26.50
N HIS C 171 -8.02 -7.42 -25.92
CA HIS C 171 -7.19 -7.28 -24.71
C HIS C 171 -5.91 -8.08 -24.91
N THR C 172 -4.80 -7.36 -24.98
CA THR C 172 -3.48 -7.95 -25.10
C THR C 172 -2.81 -7.88 -23.74
N PHE C 173 -2.53 -9.04 -23.16
CA PHE C 173 -2.07 -9.11 -21.78
C PHE C 173 -0.56 -8.88 -21.70
N PRO C 174 -0.11 -8.29 -20.59
CA PRO C 174 1.33 -8.25 -20.35
C PRO C 174 1.97 -9.65 -20.38
N ALA C 175 3.23 -9.68 -20.78
CA ALA C 175 3.97 -10.93 -20.94
C ALA C 175 4.32 -11.49 -19.59
N VAL C 176 4.56 -12.79 -19.57
CA VAL C 176 5.16 -13.49 -18.46
C VAL C 176 6.61 -13.77 -18.86
N LEU C 177 7.54 -13.62 -17.92
CA LEU C 177 8.91 -14.07 -18.18
C LEU C 177 9.03 -15.47 -17.61
N GLN C 178 9.12 -16.44 -18.50
CA GLN C 178 9.17 -17.84 -18.12
C GLN C 178 10.52 -18.16 -17.51
N SER C 179 10.59 -19.25 -16.76
CA SER C 179 11.86 -19.62 -16.12
C SER C 179 12.96 -19.86 -17.14
N SER C 180 12.57 -20.20 -18.37
CA SER C 180 13.52 -20.41 -19.46
C SER C 180 14.26 -19.13 -19.86
N GLY C 181 13.75 -17.98 -19.44
CA GLY C 181 14.29 -16.69 -19.85
C GLY C 181 13.68 -16.11 -21.13
N LEU C 182 12.65 -16.77 -21.64
CA LEU C 182 11.89 -16.25 -22.78
C LEU C 182 10.51 -15.73 -22.35
N TYR C 183 9.98 -14.79 -23.10
CA TYR C 183 8.65 -14.26 -22.79
C TYR C 183 7.58 -15.03 -23.50
N SER C 184 6.37 -14.99 -22.93
CA SER C 184 5.15 -15.37 -23.63
C SER C 184 4.06 -14.41 -23.26
N LEU C 185 3.14 -14.18 -24.18
CA LEU C 185 2.09 -13.20 -24.01
C LEU C 185 0.87 -13.70 -24.77
N SER C 186 -0.30 -13.15 -24.48
CA SER C 186 -1.53 -13.51 -25.19
C SER C 186 -2.40 -12.34 -25.49
N SER C 187 -3.01 -12.38 -26.67
CA SER C 187 -4.00 -11.40 -27.05
C SER C 187 -5.32 -12.12 -27.27
N VAL C 188 -6.41 -11.60 -26.73
CA VAL C 188 -7.73 -12.16 -27.02
C VAL C 188 -8.68 -11.12 -27.59
N VAL C 189 -9.69 -11.61 -28.33
CA VAL C 189 -10.79 -10.78 -28.78
C VAL C 189 -12.10 -11.48 -28.44
N THR C 190 -13.03 -10.75 -27.84
CA THR C 190 -14.37 -11.29 -27.63
C THR C 190 -15.22 -11.01 -28.86
N VAL C 191 -15.74 -12.10 -29.44
CA VAL C 191 -16.45 -12.07 -30.74
C VAL C 191 -17.83 -12.73 -30.62
N PRO C 192 -18.77 -12.44 -31.56
CA PRO C 192 -20.08 -13.11 -31.43
C PRO C 192 -19.96 -14.62 -31.63
N SER C 193 -20.77 -15.39 -30.88
CA SER C 193 -20.79 -16.85 -31.01
C SER C 193 -21.23 -17.33 -32.40
N SER C 194 -22.26 -16.71 -32.96
CA SER C 194 -22.79 -17.10 -34.27
C SER C 194 -21.73 -17.04 -35.36
N SER C 195 -20.96 -15.96 -35.37
CA SER C 195 -19.91 -15.75 -36.36
C SER C 195 -18.59 -16.31 -35.84
N LEU C 196 -18.49 -17.63 -35.64
CA LEU C 196 -17.29 -18.18 -34.98
C LEU C 196 -16.32 -18.87 -35.94
N GLY C 197 -16.76 -20.00 -36.50
CA GLY C 197 -15.90 -20.80 -37.37
C GLY C 197 -16.16 -20.52 -38.83
N THR C 198 -16.75 -19.36 -39.09
CA THR C 198 -17.06 -18.91 -40.44
C THR C 198 -16.35 -17.58 -40.70
N GLN C 199 -16.51 -16.65 -39.76
CA GLN C 199 -15.83 -15.35 -39.77
C GLN C 199 -14.33 -15.49 -39.67
N THR C 200 -13.60 -14.59 -40.32
CA THR C 200 -12.14 -14.60 -40.28
C THR C 200 -11.56 -13.68 -39.19
N TYR C 201 -10.68 -14.23 -38.35
CA TYR C 201 -9.94 -13.43 -37.38
C TYR C 201 -8.46 -13.79 -37.48
N ILE C 202 -7.67 -12.87 -38.01
CA ILE C 202 -6.23 -13.04 -38.10
C ILE C 202 -5.53 -12.11 -37.12
N CYS C 203 -4.52 -12.61 -36.41
CA CYS C 203 -3.76 -11.74 -35.52
C CYS C 203 -2.42 -11.43 -36.13
N ASN C 204 -2.01 -10.18 -35.95
CA ASN C 204 -0.81 -9.65 -36.57
C ASN C 204 0.23 -9.32 -35.49
N VAL C 205 1.25 -10.18 -35.43
CA VAL C 205 2.31 -10.10 -34.42
C VAL C 205 3.57 -9.49 -35.01
N ASN C 206 4.11 -8.51 -34.30
CA ASN C 206 5.36 -7.88 -34.67
C ASN C 206 6.30 -7.90 -33.48
N HIS C 207 7.54 -8.30 -33.74
CA HIS C 207 8.55 -8.34 -32.71
C HIS C 207 9.81 -7.73 -33.32
N LYS C 208 9.90 -6.39 -33.27
CA LYS C 208 10.96 -5.65 -33.95
C LYS C 208 12.37 -6.15 -33.62
N PRO C 209 12.67 -6.45 -32.33
CA PRO C 209 14.04 -6.88 -32.00
C PRO C 209 14.66 -7.95 -32.89
N SER C 210 13.84 -8.87 -33.42
CA SER C 210 14.31 -9.94 -34.28
C SER C 210 13.89 -9.71 -35.71
N ASN C 211 13.06 -8.68 -35.91
CA ASN C 211 12.42 -8.37 -37.19
C ASN C 211 11.55 -9.48 -37.72
N THR C 212 10.76 -10.03 -36.81
CA THR C 212 9.82 -11.08 -37.16
C THR C 212 8.45 -10.46 -37.26
N LYS C 213 7.72 -10.84 -38.31
CA LYS C 213 6.29 -10.54 -38.41
C LYS C 213 5.55 -11.86 -38.60
N VAL C 214 4.47 -12.06 -37.84
CA VAL C 214 3.65 -13.25 -38.00
C VAL C 214 2.17 -12.91 -38.10
N ASP C 215 1.52 -13.38 -39.17
CA ASP C 215 0.07 -13.34 -39.23
C ASP C 215 -0.49 -14.75 -39.05
N LYS C 216 -1.40 -14.92 -38.10
CA LYS C 216 -2.00 -16.21 -37.86
C LYS C 216 -3.52 -16.12 -37.95
N LYS C 217 -4.08 -16.95 -38.80
CA LYS C 217 -5.52 -17.06 -39.00
C LYS C 217 -6.09 -17.93 -37.89
N VAL C 218 -6.77 -17.32 -36.94
CA VAL C 218 -7.34 -18.09 -35.85
C VAL C 218 -8.66 -18.78 -36.21
N GLU C 219 -9.41 -18.23 -37.17
CA GLU C 219 -10.65 -18.85 -37.63
C GLU C 219 -10.83 -18.54 -39.11
N PRO C 220 -11.36 -19.51 -39.89
CA PRO C 220 -11.64 -20.90 -39.51
C PRO C 220 -10.47 -21.83 -39.88
N LYS C 221 -9.38 -21.69 -39.32
N LEU D 4 15.15 16.29 -7.90
CA LEU D 4 14.08 17.01 -7.18
C LEU D 4 13.26 16.02 -6.36
N THR D 5 13.12 16.30 -5.08
CA THR D 5 12.42 15.41 -4.17
C THR D 5 10.91 15.55 -4.27
N GLN D 6 10.25 14.49 -4.74
CA GLN D 6 8.82 14.33 -4.54
C GLN D 6 8.57 13.07 -3.72
N PRO D 7 7.38 12.96 -3.11
CA PRO D 7 7.18 11.76 -2.32
C PRO D 7 6.95 10.59 -3.25
N ALA D 8 7.36 9.39 -2.84
CA ALA D 8 7.19 8.18 -3.63
C ALA D 8 5.74 7.94 -4.04
N SER D 9 4.81 8.17 -3.11
CA SER D 9 3.39 7.93 -3.35
C SER D 9 2.51 8.82 -2.49
N VAL D 10 1.33 9.17 -2.99
CA VAL D 10 0.27 9.77 -2.17
C VAL D 10 -1.10 9.16 -2.48
N SER D 11 -2.04 9.26 -1.54
CA SER D 11 -3.41 8.80 -1.78
C SER D 11 -4.47 9.74 -1.20
N GLY D 12 -5.61 9.83 -1.89
CA GLY D 12 -6.77 10.60 -1.43
C GLY D 12 -8.11 9.98 -1.81
N SER D 13 -9.17 10.43 -1.14
CA SER D 13 -10.52 9.92 -1.39
C SER D 13 -11.10 10.63 -2.62
N PRO D 14 -12.04 9.98 -3.33
CA PRO D 14 -12.61 10.67 -4.49
C PRO D 14 -13.32 11.92 -4.02
N GLY D 15 -13.08 13.04 -4.70
CA GLY D 15 -13.78 14.28 -4.35
C GLY D 15 -12.91 15.30 -3.63
N GLN D 16 -12.11 14.83 -2.69
CA GLN D 16 -11.18 15.70 -1.98
C GLN D 16 -10.14 16.21 -2.97
N SER D 17 -9.37 17.22 -2.57
CA SER D 17 -8.24 17.66 -3.35
C SER D 17 -6.94 17.24 -2.67
N ILE D 18 -5.93 16.91 -3.46
CA ILE D 18 -4.59 16.71 -2.92
C ILE D 18 -3.50 17.43 -3.69
N THR D 19 -2.34 17.53 -3.05
CA THR D 19 -1.23 18.29 -3.58
C THR D 19 0.09 17.52 -3.42
N ILE D 20 0.91 17.54 -4.47
CA ILE D 20 2.17 16.82 -4.49
C ILE D 20 3.33 17.82 -4.55
N SER D 21 4.17 17.81 -3.51
CA SER D 21 5.29 18.73 -3.45
C SER D 21 6.44 18.24 -4.32
N CYS D 22 7.20 19.21 -4.84
CA CYS D 22 8.41 18.99 -5.62
C CYS D 22 9.49 19.91 -5.05
N THR D 23 10.25 19.43 -4.07
CA THR D 23 11.22 20.33 -3.44
C THR D 23 12.61 20.21 -4.08
N GLY D 24 13.17 21.37 -4.43
CA GLY D 24 14.52 21.47 -4.98
C GLY D 24 15.28 22.56 -4.24
N THR D 25 16.15 23.28 -4.94
CA THR D 25 16.91 24.41 -4.36
C THR D 25 16.71 25.74 -5.11
N SER D 26 17.28 26.81 -4.56
CA SER D 26 17.20 28.14 -5.16
C SER D 26 18.07 28.31 -6.41
N SER D 27 18.89 27.31 -6.70
CA SER D 27 19.65 27.27 -7.95
C SER D 27 18.93 26.46 -9.04
N ASP D 28 17.78 25.88 -8.69
CA ASP D 28 16.91 25.26 -9.67
C ASP D 28 15.47 25.76 -9.54
N VAL D 29 14.70 25.15 -8.65
CA VAL D 29 13.28 25.48 -8.48
C VAL D 29 13.09 26.95 -8.10
N GLY D 30 13.80 27.41 -7.07
CA GLY D 30 13.68 28.80 -6.60
C GLY D 30 14.26 29.83 -7.56
N SER D 31 14.99 29.34 -8.57
CA SER D 31 15.73 30.17 -9.54
C SER D 31 14.88 30.88 -10.61
N ASN D 32 13.92 30.16 -11.18
CA ASN D 32 13.08 30.68 -12.24
C ASN D 32 11.62 30.24 -12.03
N ASN D 33 10.85 30.15 -13.12
CA ASN D 33 9.50 29.59 -13.06
C ASN D 33 9.31 28.57 -14.18
N TYR D 34 10.42 28.01 -14.62
CA TYR D 34 10.42 26.93 -15.59
C TYR D 34 10.28 25.58 -14.89
N VAL D 35 9.14 25.37 -14.24
CA VAL D 35 8.80 24.06 -13.69
C VAL D 35 7.48 23.56 -14.26
N SER D 36 7.41 22.26 -14.50
CA SER D 36 6.27 21.65 -15.20
C SER D 36 5.85 20.34 -14.54
N TRP D 37 4.64 19.90 -14.83
CA TRP D 37 4.14 18.63 -14.33
C TRP D 37 3.68 17.71 -15.44
N TYR D 38 4.03 16.43 -15.30
CA TYR D 38 3.65 15.40 -16.27
C TYR D 38 2.85 14.29 -15.60
N GLN D 39 1.83 13.82 -16.31
CA GLN D 39 1.05 12.65 -15.88
C GLN D 39 1.44 11.46 -16.74
N GLN D 40 1.70 10.31 -16.09
CA GLN D 40 1.95 9.05 -16.81
C GLN D 40 1.08 7.91 -16.32
N HIS D 41 0.21 7.45 -17.22
CA HIS D 41 -0.51 6.20 -17.04
C HIS D 41 0.36 5.03 -17.52
N PRO D 42 0.12 3.82 -16.96
CA PRO D 42 0.81 2.58 -17.34
C PRO D 42 0.75 2.34 -18.86
N GLY D 43 1.90 1.96 -19.44
CA GLY D 43 2.00 1.66 -20.86
C GLY D 43 1.99 2.87 -21.79
N LYS D 44 1.59 4.02 -21.27
CA LYS D 44 1.42 5.26 -22.05
C LYS D 44 2.57 6.25 -21.83
N ALA D 45 2.74 7.18 -22.75
CA ALA D 45 3.77 8.22 -22.64
C ALA D 45 3.36 9.34 -21.67
N PRO D 46 4.37 10.04 -21.06
CA PRO D 46 4.07 11.13 -20.13
C PRO D 46 3.30 12.25 -20.80
N LYS D 47 2.37 12.87 -20.06
CA LYS D 47 1.53 13.92 -20.60
C LYS D 47 1.75 15.20 -19.79
N LEU D 48 1.98 16.31 -20.51
CA LEU D 48 2.16 17.61 -19.88
C LEU D 48 0.84 18.14 -19.32
N MET D 49 0.83 18.42 -18.01
CA MET D 49 -0.37 18.91 -17.34
C MET D 49 -0.24 20.38 -16.95
N ILE D 50 0.95 20.77 -16.53
CA ILE D 50 1.21 22.12 -16.09
C ILE D 50 2.59 22.58 -16.53
N TYR D 51 2.67 23.80 -17.05
CA TYR D 51 3.93 24.38 -17.51
C TYR D 51 4.10 25.83 -17.03
N GLY D 52 5.35 26.27 -16.90
CA GLY D 52 5.63 27.58 -16.33
C GLY D 52 5.09 27.69 -14.92
N GLY D 53 5.14 26.61 -14.17
CA GLY D 53 4.70 26.59 -12.78
C GLY D 53 3.21 26.46 -12.54
N SER D 54 2.40 27.04 -13.43
CA SER D 54 0.99 27.25 -13.12
C SER D 54 0.02 27.28 -14.31
N ASN D 55 0.54 27.21 -15.53
CA ASN D 55 -0.31 27.27 -16.72
C ASN D 55 -0.66 25.88 -17.27
N ARG D 56 -1.88 25.72 -17.78
CA ARG D 56 -2.33 24.45 -18.35
C ARG D 56 -2.19 24.48 -19.87
N PRO D 57 -1.71 23.38 -20.48
CA PRO D 57 -1.79 23.25 -21.93
C PRO D 57 -3.25 23.22 -22.36
N SER D 58 -3.48 23.46 -23.64
CA SER D 58 -4.83 23.44 -24.19
C SER D 58 -5.48 22.08 -23.97
N GLY D 59 -6.74 22.11 -23.54
CA GLY D 59 -7.53 20.88 -23.35
C GLY D 59 -7.40 20.22 -21.98
N VAL D 60 -6.25 20.41 -21.33
CA VAL D 60 -6.02 19.90 -19.98
C VAL D 60 -7.10 20.42 -19.03
N SER D 61 -7.64 19.53 -18.20
CA SER D 61 -8.72 19.89 -17.27
C SER D 61 -8.26 20.95 -16.28
N ASN D 62 -9.20 21.73 -15.77
CA ASN D 62 -8.86 22.83 -14.89
C ASN D 62 -8.74 22.40 -13.43
N ARG D 63 -9.01 21.13 -13.15
CA ARG D 63 -8.88 20.57 -11.80
C ARG D 63 -7.41 20.47 -11.39
N PHE D 64 -6.51 20.66 -12.35
CA PHE D 64 -5.08 20.64 -12.10
C PHE D 64 -4.52 22.06 -11.99
N SER D 65 -4.02 22.41 -10.81
CA SER D 65 -3.40 23.70 -10.58
C SER D 65 -1.96 23.52 -10.15
N GLY D 66 -1.13 24.52 -10.44
CA GLY D 66 0.26 24.52 -10.03
C GLY D 66 0.53 25.74 -9.18
N SER D 67 1.37 25.59 -8.17
CA SER D 67 1.77 26.71 -7.33
C SER D 67 3.18 26.47 -6.80
N LYS D 68 3.67 27.38 -5.97
CA LYS D 68 5.08 27.39 -5.59
C LYS D 68 5.36 28.23 -4.35
N SER D 69 5.58 27.56 -3.21
CA SER D 69 5.98 28.22 -1.96
C SER D 69 7.45 27.93 -1.69
N GLY D 70 8.26 29.00 -1.63
CA GLY D 70 9.71 28.88 -1.44
C GLY D 70 10.45 28.19 -2.57
N ASN D 71 11.22 27.16 -2.22
CA ASN D 71 11.98 26.34 -3.19
C ASN D 71 11.30 25.04 -3.62
N THR D 72 9.99 24.96 -3.39
CA THR D 72 9.23 23.74 -3.65
C THR D 72 8.02 24.05 -4.52
N ALA D 73 7.92 23.36 -5.66
CA ALA D 73 6.73 23.46 -6.50
C ALA D 73 5.65 22.53 -5.95
N SER D 74 4.41 22.77 -6.36
CA SER D 74 3.28 21.99 -5.85
C SER D 74 2.20 21.81 -6.90
N LEU D 75 1.80 20.56 -7.11
CA LEU D 75 0.68 20.24 -7.98
C LEU D 75 -0.54 19.94 -7.12
N THR D 76 -1.66 20.56 -7.45
CA THR D 76 -2.91 20.30 -6.75
C THR D 76 -3.97 19.79 -7.70
N ILE D 77 -4.51 18.62 -7.39
CA ILE D 77 -5.63 18.10 -8.14
C ILE D 77 -6.86 18.28 -7.27
N SER D 78 -7.85 18.99 -7.78
CA SER D 78 -9.09 19.19 -7.02
C SER D 78 -10.19 18.28 -7.52
N GLY D 79 -11.14 17.95 -6.65
CA GLY D 79 -12.26 17.08 -7.00
C GLY D 79 -11.76 15.87 -7.77
N LEU D 80 -10.86 15.12 -7.14
CA LEU D 80 -10.11 14.11 -7.86
C LEU D 80 -10.92 12.86 -8.10
N GLN D 81 -10.71 12.26 -9.26
CA GLN D 81 -11.51 11.16 -9.76
C GLN D 81 -10.62 9.96 -10.01
N ALA D 82 -11.23 8.79 -10.18
CA ALA D 82 -10.49 7.57 -10.40
C ALA D 82 -9.48 7.68 -11.53
N GLU D 83 -9.81 8.41 -12.60
CA GLU D 83 -8.91 8.48 -13.75
C GLU D 83 -7.63 9.29 -13.49
N ASP D 84 -7.61 10.00 -12.37
CA ASP D 84 -6.41 10.73 -11.93
C ASP D 84 -5.32 9.80 -11.43
N GLU D 85 -5.67 8.55 -11.18
CA GLU D 85 -4.73 7.54 -10.70
C GLU D 85 -3.66 7.32 -11.76
N ALA D 86 -2.45 7.78 -11.45
CA ALA D 86 -1.31 7.70 -12.35
C ALA D 86 -0.03 8.07 -11.61
N ASP D 87 1.09 8.08 -12.33
CA ASP D 87 2.33 8.62 -11.80
C ASP D 87 2.48 10.06 -12.23
N TYR D 88 2.96 10.89 -11.31
CA TYR D 88 3.19 12.32 -11.60
C TYR D 88 4.65 12.66 -11.45
N TYR D 89 5.18 13.36 -12.44
CA TYR D 89 6.56 13.83 -12.43
C TYR D 89 6.63 15.35 -12.54
N CYS D 90 7.47 15.97 -11.70
CA CYS D 90 7.78 17.40 -11.87
C CYS D 90 9.10 17.54 -12.63
N ARG D 91 9.29 18.70 -13.28
CA ARG D 91 10.44 18.93 -14.14
C ARG D 91 10.93 20.38 -14.07
N SER D 92 12.24 20.55 -13.92
CA SER D 92 12.83 21.87 -13.93
C SER D 92 13.73 22.06 -15.14
N TRP D 93 13.84 23.29 -15.59
CA TRP D 93 14.89 23.70 -16.50
C TRP D 93 15.72 24.73 -15.75
N ASP D 94 17.02 24.77 -16.03
CA ASP D 94 17.86 25.84 -15.51
C ASP D 94 17.48 27.11 -16.29
N SER D 95 17.66 28.27 -15.67
CA SER D 95 17.14 29.53 -16.26
C SER D 95 17.80 29.97 -17.58
N ASN D 96 18.88 29.29 -17.96
CA ASN D 96 19.51 29.47 -19.27
C ASN D 96 18.81 28.65 -20.35
N LEU D 97 17.96 27.71 -19.93
CA LEU D 97 17.23 26.79 -20.80
C LEU D 97 18.17 25.95 -21.67
N SER D 98 19.08 25.26 -20.99
CA SER D 98 20.09 24.44 -21.64
C SER D 98 20.33 23.16 -20.85
N TYR D 99 19.62 23.05 -19.72
CA TYR D 99 19.76 21.90 -18.82
C TYR D 99 18.40 21.63 -18.19
N SER D 100 18.04 20.35 -18.06
CA SER D 100 16.80 19.94 -17.41
C SER D 100 16.96 18.74 -16.48
N VAL D 101 16.04 18.60 -15.54
CA VAL D 101 16.08 17.52 -14.56
C VAL D 101 14.66 17.14 -14.12
N PHE D 102 14.43 15.86 -13.90
CA PHE D 102 13.13 15.38 -13.47
C PHE D 102 13.15 14.98 -12.00
N GLY D 103 12.02 15.16 -11.33
CA GLY D 103 11.83 14.61 -9.99
C GLY D 103 11.69 13.11 -10.04
N GLY D 104 11.71 12.48 -8.87
CA GLY D 104 11.70 11.03 -8.78
C GLY D 104 10.35 10.37 -8.99
N GLY D 105 9.30 11.16 -9.14
CA GLY D 105 7.96 10.62 -9.38
C GLY D 105 7.12 10.31 -8.15
N THR D 106 5.80 10.37 -8.33
CA THR D 106 4.85 10.12 -7.26
C THR D 106 3.68 9.29 -7.76
N LYS D 107 3.48 8.11 -7.17
CA LYS D 107 2.33 7.26 -7.51
C LYS D 107 1.09 7.76 -6.78
N LEU D 108 0.15 8.30 -7.53
CA LEU D 108 -1.12 8.73 -6.96
C LEU D 108 -2.15 7.60 -7.00
N THR D 109 -2.72 7.28 -5.85
CA THR D 109 -3.81 6.31 -5.85
C THR D 109 -5.07 6.92 -5.25
N VAL D 110 -6.21 6.57 -5.85
CA VAL D 110 -7.51 7.07 -5.43
C VAL D 110 -8.26 5.94 -4.75
N LEU D 111 -8.55 6.14 -3.47
CA LEU D 111 -9.18 5.11 -2.63
C LEU D 111 -10.66 4.98 -2.95
N GLY D 112 -11.29 3.94 -2.40
CA GLY D 112 -12.72 3.73 -2.59
C GLY D 112 -13.12 3.14 -3.94
N GLN D 113 -12.15 2.73 -4.74
CA GLN D 113 -12.44 1.95 -5.93
C GLN D 113 -13.20 0.69 -5.53
N PRO D 114 -14.37 0.44 -6.13
CA PRO D 114 -15.17 -0.76 -5.80
C PRO D 114 -14.47 -2.08 -6.12
N LYS D 115 -14.74 -3.07 -5.27
CA LYS D 115 -14.21 -4.43 -5.39
C LYS D 115 -14.78 -5.10 -6.62
N ALA D 116 -13.95 -5.85 -7.34
CA ALA D 116 -14.43 -6.56 -8.52
C ALA D 116 -13.83 -7.93 -8.61
N ALA D 117 -14.68 -8.91 -8.90
CA ALA D 117 -14.31 -10.32 -9.08
C ALA D 117 -13.73 -10.54 -10.47
N PRO D 118 -12.66 -11.35 -10.57
CA PRO D 118 -12.05 -11.59 -11.87
C PRO D 118 -12.91 -12.46 -12.76
N SER D 119 -12.84 -12.19 -14.06
CA SER D 119 -13.38 -13.12 -15.02
C SER D 119 -12.19 -13.90 -15.59
N VAL D 120 -12.39 -15.19 -15.82
CA VAL D 120 -11.32 -16.12 -16.21
C VAL D 120 -11.61 -16.77 -17.56
N THR D 121 -10.59 -16.87 -18.41
CA THR D 121 -10.68 -17.59 -19.67
C THR D 121 -9.56 -18.62 -19.70
N LEU D 122 -9.90 -19.87 -20.02
CA LEU D 122 -8.90 -20.93 -20.10
C LEU D 122 -8.88 -21.54 -21.49
N PHE D 123 -7.76 -21.40 -22.19
CA PHE D 123 -7.60 -22.08 -23.49
C PHE D 123 -6.78 -23.35 -23.37
N PRO D 124 -7.16 -24.41 -24.09
CA PRO D 124 -6.34 -25.62 -24.15
C PRO D 124 -5.24 -25.48 -25.21
N PRO D 125 -4.23 -26.39 -25.22
CA PRO D 125 -3.23 -26.36 -26.26
C PRO D 125 -3.90 -26.46 -27.61
N SER D 126 -3.42 -25.65 -28.56
CA SER D 126 -3.88 -25.73 -29.94
C SER D 126 -3.20 -26.93 -30.57
N SER D 127 -3.85 -27.55 -31.53
CA SER D 127 -3.28 -28.74 -32.14
C SER D 127 -2.02 -28.44 -32.95
N GLU D 128 -1.83 -27.18 -33.36
CA GLU D 128 -0.58 -26.75 -33.99
C GLU D 128 0.58 -26.93 -33.01
N GLU D 129 0.35 -26.56 -31.75
CA GLU D 129 1.40 -26.66 -30.74
C GLU D 129 1.72 -28.10 -30.36
N LEU D 130 0.67 -28.91 -30.19
CA LEU D 130 0.86 -30.34 -29.89
C LEU D 130 1.56 -31.05 -31.04
N GLN D 131 1.32 -30.56 -32.26
CA GLN D 131 1.97 -31.05 -33.46
C GLN D 131 3.44 -30.67 -33.44
N ALA D 132 3.72 -29.45 -32.99
CA ALA D 132 5.12 -28.98 -32.80
C ALA D 132 5.69 -29.58 -31.51
N ASN D 133 5.02 -30.63 -31.03
CA ASN D 133 5.40 -31.40 -29.85
C ASN D 133 5.57 -30.60 -28.57
N LYS D 134 4.58 -29.75 -28.27
CA LYS D 134 4.56 -28.95 -27.05
C LYS D 134 3.12 -28.71 -26.61
N ALA D 135 2.93 -28.26 -25.37
CA ALA D 135 1.57 -28.02 -24.88
C ALA D 135 1.53 -26.93 -23.84
N THR D 136 0.75 -25.89 -24.12
CA THR D 136 0.56 -24.80 -23.18
C THR D 136 -0.92 -24.59 -22.87
N LEU D 137 -1.24 -24.54 -21.58
CA LEU D 137 -2.55 -24.10 -21.16
C LEU D 137 -2.48 -22.62 -20.76
N VAL D 138 -3.42 -21.86 -21.28
CA VAL D 138 -3.40 -20.42 -21.07
C VAL D 138 -4.60 -19.98 -20.21
N CYS D 139 -4.32 -19.45 -19.03
CA CYS D 139 -5.35 -18.93 -18.14
C CYS D 139 -5.29 -17.41 -18.11
N LEU D 140 -6.37 -16.76 -18.53
CA LEU D 140 -6.40 -15.29 -18.56
C LEU D 140 -7.36 -14.68 -17.55
N ILE D 141 -6.76 -13.95 -16.59
CA ILE D 141 -7.48 -13.40 -15.43
C ILE D 141 -7.58 -11.90 -15.56
N SER D 142 -8.77 -11.35 -15.46
CA SER D 142 -8.93 -9.94 -15.80
C SER D 142 -10.08 -9.27 -15.08
N ASP D 143 -10.03 -7.93 -15.03
CA ASP D 143 -11.05 -7.05 -14.42
C ASP D 143 -11.22 -7.19 -12.90
N PHE D 144 -10.15 -7.53 -12.20
CA PHE D 144 -10.30 -7.69 -10.76
C PHE D 144 -9.69 -6.55 -9.95
N TYR D 145 -10.21 -6.37 -8.74
CA TYR D 145 -9.70 -5.40 -7.79
C TYR D 145 -10.17 -5.78 -6.40
N PRO D 146 -9.29 -5.68 -5.37
CA PRO D 146 -7.88 -5.26 -5.41
C PRO D 146 -7.02 -6.17 -6.28
N GLY D 147 -5.77 -5.77 -6.50
CA GLY D 147 -4.91 -6.47 -7.46
C GLY D 147 -4.24 -7.74 -6.99
N ALA D 148 -4.81 -8.47 -6.03
CA ALA D 148 -4.21 -9.72 -5.56
C ALA D 148 -5.06 -10.97 -5.86
N VAL D 149 -4.45 -11.90 -6.59
CA VAL D 149 -5.02 -13.22 -6.86
C VAL D 149 -3.99 -14.29 -6.55
N THR D 150 -4.48 -15.46 -6.17
CA THR D 150 -3.67 -16.66 -6.15
C THR D 150 -4.21 -17.63 -7.18
N VAL D 151 -3.32 -18.28 -7.93
CA VAL D 151 -3.72 -19.15 -9.04
C VAL D 151 -3.25 -20.59 -8.77
N ALA D 152 -4.14 -21.55 -8.90
CA ALA D 152 -3.76 -22.95 -8.66
C ALA D 152 -4.22 -23.80 -9.81
N TRP D 153 -3.31 -24.61 -10.32
CA TRP D 153 -3.60 -25.49 -11.44
C TRP D 153 -3.88 -26.91 -10.98
N LYS D 154 -4.67 -27.63 -11.75
CA LYS D 154 -5.00 -29.00 -11.41
C LYS D 154 -4.93 -29.94 -12.60
N ALA D 155 -4.38 -31.12 -12.35
CA ALA D 155 -4.56 -32.27 -13.23
C ALA D 155 -5.69 -33.08 -12.60
N ASP D 156 -6.78 -33.25 -13.35
CA ASP D 156 -8.02 -33.83 -12.83
C ASP D 156 -8.50 -33.07 -11.60
N SER D 157 -8.17 -33.57 -10.41
CA SER D 157 -8.52 -32.86 -9.18
C SER D 157 -7.41 -32.91 -8.13
N SER D 158 -6.16 -32.81 -8.58
CA SER D 158 -5.02 -32.73 -7.68
C SER D 158 -4.02 -31.63 -8.07
N PRO D 159 -3.51 -30.89 -7.07
CA PRO D 159 -2.56 -29.78 -7.24
C PRO D 159 -1.36 -30.11 -8.14
N VAL D 160 -0.96 -29.13 -8.96
CA VAL D 160 0.18 -29.24 -9.87
C VAL D 160 0.97 -27.93 -9.80
N LYS D 161 2.23 -28.00 -9.34
CA LYS D 161 3.08 -26.80 -9.22
C LYS D 161 4.17 -26.69 -10.30
N ALA D 162 4.67 -27.84 -10.74
CA ALA D 162 5.68 -27.91 -11.79
C ALA D 162 5.13 -27.37 -13.12
N GLY D 163 5.96 -26.61 -13.82
CA GLY D 163 5.61 -26.08 -15.13
C GLY D 163 4.65 -24.91 -15.08
N VAL D 164 4.43 -24.36 -13.88
CA VAL D 164 3.55 -23.21 -13.76
C VAL D 164 4.33 -21.93 -13.93
N GLU D 165 3.72 -20.97 -14.62
CA GLU D 165 4.31 -19.67 -14.83
C GLU D 165 3.21 -18.62 -14.78
N THR D 166 3.19 -17.82 -13.69
CA THR D 166 2.15 -16.81 -13.48
C THR D 166 2.71 -15.38 -13.44
N THR D 167 2.00 -14.44 -14.07
CA THR D 167 2.43 -13.05 -14.04
C THR D 167 2.10 -12.41 -12.71
N THR D 168 2.80 -11.32 -12.41
CA THR D 168 2.40 -10.38 -11.40
C THR D 168 1.21 -9.60 -11.96
N PRO D 169 0.20 -9.31 -11.13
CA PRO D 169 -0.95 -8.60 -11.68
C PRO D 169 -0.56 -7.16 -11.95
N SER D 170 -1.02 -6.61 -13.06
CA SER D 170 -0.70 -5.22 -13.40
C SER D 170 -1.94 -4.49 -13.86
N LYS D 171 -2.03 -3.22 -13.50
CA LYS D 171 -3.23 -2.39 -13.66
C LYS D 171 -3.65 -2.18 -15.13
N GLN D 172 -4.79 -2.74 -15.52
CA GLN D 172 -5.45 -2.40 -16.80
C GLN D 172 -5.78 -0.92 -16.80
N SER D 173 -6.06 -0.37 -17.97
CA SER D 173 -6.36 1.06 -18.06
C SER D 173 -7.59 1.47 -17.24
N ASN D 174 -8.63 0.65 -17.24
CA ASN D 174 -9.88 0.97 -16.49
C ASN D 174 -9.74 0.90 -14.97
N ASN D 175 -8.50 0.91 -14.47
CA ASN D 175 -8.16 0.90 -13.04
C ASN D 175 -8.27 -0.47 -12.33
N LYS D 176 -8.71 -1.46 -13.08
CA LYS D 176 -8.77 -2.83 -12.60
C LYS D 176 -7.52 -3.57 -13.05
N TYR D 177 -7.28 -4.74 -12.49
CA TYR D 177 -6.07 -5.50 -12.78
C TYR D 177 -6.30 -6.65 -13.74
N ALA D 178 -5.20 -7.13 -14.34
CA ALA D 178 -5.21 -8.28 -15.19
C ALA D 178 -3.99 -9.11 -14.83
N ALA D 179 -4.03 -10.39 -15.15
CA ALA D 179 -2.90 -11.29 -14.93
C ALA D 179 -3.08 -12.49 -15.82
N SER D 180 -1.99 -13.20 -16.08
CA SER D 180 -2.02 -14.38 -16.91
C SER D 180 -1.30 -15.47 -16.15
N SER D 181 -1.71 -16.71 -16.36
CA SER D 181 -0.97 -17.87 -15.86
C SER D 181 -0.83 -18.95 -16.92
N TYR D 182 0.38 -19.49 -17.08
CA TYR D 182 0.67 -20.45 -18.13
C TYR D 182 1.15 -21.77 -17.57
N LEU D 183 0.47 -22.86 -17.95
CA LEU D 183 0.91 -24.18 -17.53
C LEU D 183 1.54 -24.88 -18.70
N SER D 184 2.80 -25.29 -18.49
CA SER D 184 3.50 -26.11 -19.47
C SER D 184 3.47 -27.58 -19.09
N LEU D 185 3.22 -28.42 -20.07
CA LEU D 185 3.21 -29.87 -19.86
C LEU D 185 3.50 -30.57 -21.18
N THR D 186 3.91 -31.83 -21.11
CA THR D 186 4.17 -32.61 -22.30
C THR D 186 2.85 -33.04 -22.95
N PRO D 187 2.82 -33.21 -24.29
CA PRO D 187 1.61 -33.70 -24.99
C PRO D 187 1.01 -34.99 -24.44
N GLU D 188 1.84 -35.97 -24.09
CA GLU D 188 1.31 -37.20 -23.47
C GLU D 188 0.73 -36.88 -22.08
N GLN D 189 1.39 -35.94 -21.39
CA GLN D 189 0.95 -35.50 -20.09
C GLN D 189 -0.44 -34.87 -20.17
N TRP D 190 -0.68 -34.08 -21.22
CA TRP D 190 -2.02 -33.51 -21.46
C TRP D 190 -3.05 -34.56 -21.83
N LYS D 191 -2.62 -35.56 -22.61
CA LYS D 191 -3.52 -36.55 -23.19
C LYS D 191 -3.94 -37.64 -22.22
N SER D 192 -3.14 -37.85 -21.18
CA SER D 192 -3.38 -38.92 -20.19
C SER D 192 -4.38 -38.56 -19.09
N HIS D 193 -4.74 -37.28 -19.01
CA HIS D 193 -5.68 -36.81 -17.99
C HIS D 193 -7.06 -36.51 -18.55
N ARG D 194 -8.08 -36.77 -17.72
CA ARG D 194 -9.46 -36.50 -18.07
C ARG D 194 -9.69 -35.01 -18.29
N SER D 195 -9.01 -34.19 -17.49
CA SER D 195 -9.18 -32.73 -17.53
C SER D 195 -8.11 -31.97 -16.76
N TYR D 196 -7.79 -30.78 -17.26
CA TYR D 196 -6.94 -29.80 -16.55
C TYR D 196 -7.75 -28.54 -16.20
N SER D 197 -7.53 -27.97 -15.02
CA SER D 197 -8.30 -26.77 -14.60
C SER D 197 -7.46 -25.67 -13.95
N CYS D 198 -7.84 -24.42 -14.24
CA CYS D 198 -7.19 -23.24 -13.69
C CYS D 198 -8.07 -22.59 -12.64
N GLN D 199 -7.58 -22.60 -11.39
CA GLN D 199 -8.38 -22.11 -10.25
C GLN D 199 -7.89 -20.78 -9.72
N VAL D 200 -8.75 -19.77 -9.78
CA VAL D 200 -8.38 -18.43 -9.41
C VAL D 200 -9.14 -18.03 -8.18
N THR D 201 -8.44 -17.75 -7.09
CA THR D 201 -9.11 -17.26 -5.89
C THR D 201 -8.71 -15.80 -5.66
N HIS D 202 -9.70 -14.94 -5.44
CA HIS D 202 -9.47 -13.49 -5.36
C HIS D 202 -9.58 -12.92 -3.93
N GLU D 203 -10.75 -13.03 -3.32
CA GLU D 203 -10.84 -12.66 -1.92
C GLU D 203 -11.69 -13.70 -1.25
N GLY D 204 -13.00 -13.47 -1.21
CA GLY D 204 -13.92 -14.50 -0.77
C GLY D 204 -14.30 -15.40 -1.93
N SER D 205 -13.71 -15.14 -3.10
CA SER D 205 -14.16 -15.77 -4.34
C SER D 205 -13.20 -16.78 -4.95
N THR D 206 -13.77 -17.89 -5.40
CA THR D 206 -13.00 -18.85 -6.17
C THR D 206 -13.72 -19.11 -7.49
N VAL D 207 -13.00 -18.93 -8.57
CA VAL D 207 -13.52 -19.14 -9.91
C VAL D 207 -12.62 -20.17 -10.59
N GLU D 208 -13.23 -21.18 -11.19
CA GLU D 208 -12.44 -22.23 -11.81
C GLU D 208 -12.96 -22.55 -13.19
N LYS D 209 -12.07 -22.52 -14.18
CA LYS D 209 -12.39 -23.01 -15.51
C LYS D 209 -11.67 -24.33 -15.74
N THR D 210 -12.32 -25.25 -16.44
CA THR D 210 -11.67 -26.51 -16.76
C THR D 210 -11.76 -26.88 -18.24
N VAL D 211 -10.70 -27.48 -18.77
CA VAL D 211 -10.69 -27.96 -20.15
C VAL D 211 -10.28 -29.44 -20.23
N ALA D 212 -10.63 -30.10 -21.34
CA ALA D 212 -10.37 -31.54 -21.53
C ALA D 212 -9.80 -31.86 -22.91
N PRO D 213 -8.88 -32.85 -23.00
CA PRO D 213 -8.34 -33.27 -24.30
C PRO D 213 -9.42 -33.55 -25.34
N THR D 214 -10.49 -34.07 -25.02
O36 T5C E . -3.26 26.46 17.33
S35 T5C E . -2.22 26.92 18.29
O37 T5C E . -1.15 25.87 18.38
O38 T5C E . -1.61 28.19 17.82
C13 T5C E . -3.00 27.15 19.93
C12 T5C E . -3.71 28.48 20.19
N1 T5C E . -3.80 28.58 21.65
C9 T5C E . -4.79 28.01 22.36
C8 T5C E . -5.92 27.30 21.95
C7 T5C E . -6.84 26.85 22.88
C6 T5C E . -6.66 27.11 24.24
S39 T5C E . -7.82 26.52 25.39
O41 T5C E . -9.18 26.50 24.77
O40 T5C E . -7.44 25.14 25.81
O42 T5C E . -7.82 27.39 26.61
C5 T5C E . -5.55 27.83 24.66
C4 T5C E . -4.62 28.30 23.72
C3 T5C E . -3.33 29.09 23.85
C11 T5C E . -3.66 30.44 24.50
C10 T5C E . -2.32 28.29 24.69
C2 T5C E . -2.90 29.24 22.38
C14 T5C E . -1.78 29.95 21.95
C15 T5C E . -0.89 30.62 22.79
C16 T5C E . 0.20 31.30 22.26
C17 T5C E . 1.09 31.98 23.08
C34 T5C E . 0.93 32.01 24.61
C18 T5C E . 2.16 32.63 22.47
C19 T5C E . 3.10 33.33 23.24
C20 T5C E . 4.15 33.97 22.60
C22 T5C E . 5.16 34.70 23.23
C23 T5C E . 5.28 34.92 24.76
C31 T5C E . 5.44 33.59 25.52
C30 T5C E . 4.10 35.75 25.31
C24 T5C E . 6.57 35.72 24.85
C25 T5C E . 7.30 36.22 25.93
C26 T5C E . 8.48 36.92 25.70
S47 T5C E . 9.41 37.57 27.01
O48 T5C E . 9.39 39.06 26.94
O50 T5C E . 8.83 37.12 28.32
O49 T5C E . 10.82 37.09 26.88
C27 T5C E . 8.92 37.13 24.40
C28 T5C E . 8.20 36.63 23.33
C29 T5C E . 7.01 35.93 23.55
N21 T5C E . 6.18 35.34 22.67
C32 T5C E . 6.40 35.37 21.21
C33 T5C E . 5.67 36.65 20.76
S43 T5C E . 5.42 36.86 18.96
O46 T5C E . 4.94 35.58 18.36
O44 T5C E . 6.72 37.25 18.33
O45 T5C E . 4.40 37.93 18.72
O36 T5C F . 9.67 24.50 -17.70
S35 T5C F . 8.78 25.17 -18.68
O37 T5C F . 7.47 24.44 -18.76
O38 T5C F . 8.49 26.58 -18.25
C13 T5C F . 9.59 25.18 -20.31
C12 T5C F . 10.60 26.30 -20.61
N1 T5C F . 10.69 26.34 -22.09
C9 T5C F . 11.52 25.55 -22.79
C8 T5C F . 12.44 24.60 -22.36
C7 T5C F . 13.23 23.92 -23.28
C6 T5C F . 13.11 24.19 -24.64
S39 T5C F . 14.10 23.32 -25.78
O41 T5C F . 15.39 22.96 -25.12
O40 T5C F . 13.38 22.07 -26.19
O42 T5C F . 14.35 24.17 -26.98
C5 T5C F . 12.20 25.15 -25.08
C4 T5C F . 11.42 25.84 -24.15
C3 T5C F . 10.36 26.92 -24.30
C11 T5C F . 11.00 28.14 -24.98
C10 T5C F . 9.19 26.36 -25.11
C2 T5C F . 9.99 27.20 -22.82
C14 T5C F . 9.07 28.17 -22.41
C15 T5C F . 8.37 29.02 -23.26
C16 T5C F . 7.48 29.95 -22.75
C17 T5C F . 6.77 30.82 -23.58
C34 T5C F . 6.93 30.77 -25.11
C18 T5C F . 5.89 31.72 -22.99
C19 T5C F . 5.16 32.61 -23.77
C20 T5C F . 4.29 33.50 -23.14
C22 T5C F . 3.49 34.44 -23.80
C23 T5C F . 3.43 34.65 -25.34
C31 T5C F . 2.96 33.38 -26.07
C30 T5C F . 4.75 35.17 -25.91
C24 T5C F . 2.35 35.73 -25.45
C25 T5C F . 1.76 36.36 -26.54
C26 T5C F . 0.80 37.34 -26.32
S47 T5C F . 0.03 38.16 -27.63
O48 T5C F . 0.42 39.62 -27.60
O50 T5C F . 0.46 37.56 -28.93
O49 T5C F . -1.46 38.04 -27.48
C27 T5C F . 0.42 37.67 -25.02
C28 T5C F . 1.01 37.03 -23.94
C29 T5C F . 2.00 36.08 -24.14
N21 T5C F . 2.65 35.32 -23.25
C32 T5C F . 2.45 35.44 -21.80
C33 T5C F . 3.47 36.51 -21.35
S43 T5C F . 3.77 36.68 -19.55
O46 T5C F . 3.94 35.32 -18.94
O44 T5C F . 2.62 37.38 -18.93
O45 T5C F . 5.03 37.46 -19.32
#